data_3K3H
#
_entry.id   3K3H
#
_cell.length_a   103.272
_cell.length_b   103.272
_cell.length_c   271.098
_cell.angle_alpha   90.00
_cell.angle_beta   90.00
_cell.angle_gamma   90.00
#
_symmetry.space_group_name_H-M   'P 41 21 2'
#
loop_
_entity.id
_entity.type
_entity.pdbx_description
1 polymer "High affinity cGMP-specific 3',5'-cyclic phosphodiesterase 9A"
2 non-polymer 'ZINC ION'
3 non-polymer 'MAGNESIUM ION'
4 non-polymer 1-(2-chlorophenyl)-6-[(2S)-3,3,3-trifluoro-2-methylpropyl]-1,7-dihydro-4H-pyrazolo[3,4-d]pyrimidin-4-one
5 water water
#
_entity_poly.entity_id   1
_entity_poly.type   'polypeptide(L)'
_entity_poly.pdbx_seq_one_letter_code
;PTYPKYLLSPETIEALRKPTFDVWLWEPNEMLSCLEHMYHDLGLVRDFSINPVTLRRWLFCVHDNYRNNPFHNFRHCFCV
AQMMYSMVWLCSLQEKFSQTDILILMTAAICHDLDHPGYNNTYQINARTELAVRYNDISPLENHHCAVAFQILAEPECNI
FSNIPPDGFKQIRQGMITLILATDMARHAEIMDSFKEKMENFDYSNEEHMTLLKMILIKCCDISNEVRPMEVAEPWVDCL
LEEYFMQSDREKSEGLPVAPFMDRDKVTKATAQIGFIKFVLIPMFETVTKLFPMVEEIMLQPLWESRDRYEELKRIDDAM
KELQKK
;
_entity_poly.pdbx_strand_id   A,B
#
# COMPACT_ATOMS: atom_id res chain seq x y z
N TYR A 6 4.22 -40.80 7.24
CA TYR A 6 3.32 -39.99 6.36
C TYR A 6 1.97 -39.77 7.05
N LEU A 7 1.64 -40.64 8.00
CA LEU A 7 0.38 -40.55 8.73
C LEU A 7 0.64 -39.97 10.11
N LEU A 8 -0.40 -39.40 10.72
CA LEU A 8 -0.28 -38.83 12.06
C LEU A 8 -0.87 -39.80 13.06
N SER A 9 -0.26 -39.91 14.24
CA SER A 9 -0.77 -40.82 15.26
C SER A 9 -1.82 -40.05 16.06
N PRO A 10 -2.77 -40.77 16.66
CA PRO A 10 -3.80 -40.09 17.45
C PRO A 10 -3.22 -39.26 18.60
N GLU A 11 -2.01 -39.60 19.03
CA GLU A 11 -1.33 -38.86 20.10
C GLU A 11 -0.92 -37.50 19.54
N THR A 12 -0.36 -37.51 18.33
CA THR A 12 0.09 -36.29 17.67
C THR A 12 -1.09 -35.36 17.43
N ILE A 13 -2.14 -35.88 16.80
CA ILE A 13 -3.35 -35.11 16.51
C ILE A 13 -3.87 -34.45 17.77
N GLU A 14 -3.76 -35.19 18.87
CA GLU A 14 -4.19 -34.71 20.17
C GLU A 14 -3.31 -33.55 20.63
N ALA A 15 -1.99 -33.72 20.50
CA ALA A 15 -1.01 -32.71 20.91
C ALA A 15 -1.01 -31.47 20.03
N LEU A 16 -1.49 -31.64 18.80
CA LEU A 16 -1.53 -30.55 17.85
C LEU A 16 -2.40 -29.39 18.34
N ARG A 17 -3.24 -29.65 19.34
CA ARG A 17 -4.14 -28.64 19.90
C ARG A 17 -3.54 -27.76 20.99
N LYS A 18 -2.39 -28.17 21.50
CA LYS A 18 -1.72 -27.43 22.57
C LYS A 18 -0.50 -26.66 22.09
N PRO A 19 -0.24 -25.50 22.73
CA PRO A 19 0.92 -24.66 22.36
C PRO A 19 2.25 -25.30 22.75
N THR A 20 2.18 -26.39 23.49
CA THR A 20 3.39 -27.08 23.91
C THR A 20 3.87 -28.02 22.80
N PHE A 21 3.21 -28.00 21.66
CA PHE A 21 3.58 -28.88 20.55
C PHE A 21 5.04 -28.67 20.10
N ASP A 22 5.78 -29.76 20.00
CA ASP A 22 7.19 -29.70 19.58
C ASP A 22 7.26 -29.62 18.06
N VAL A 23 7.28 -28.39 17.56
CA VAL A 23 7.33 -28.14 16.12
C VAL A 23 8.62 -28.57 15.44
N TRP A 24 9.64 -28.87 16.22
CA TRP A 24 10.92 -29.26 15.65
C TRP A 24 11.01 -30.73 15.25
N LEU A 25 10.19 -31.57 15.88
CA LEU A 25 10.20 -33.01 15.61
C LEU A 25 9.65 -33.43 14.26
N TRP A 26 9.22 -32.51 13.43
CA TRP A 26 8.61 -32.94 12.17
C TRP A 26 9.22 -32.51 10.86
N GLU A 27 8.91 -33.28 9.83
CA GLU A 27 9.39 -33.00 8.50
C GLU A 27 8.27 -32.40 7.67
N PRO A 28 8.63 -31.61 6.65
CA PRO A 28 7.65 -30.95 5.77
C PRO A 28 6.37 -31.74 5.51
N ASN A 29 6.51 -32.98 5.08
CA ASN A 29 5.36 -33.82 4.78
C ASN A 29 4.46 -34.12 5.98
N GLU A 30 5.03 -34.11 7.17
CA GLU A 30 4.25 -34.38 8.38
C GLU A 30 3.55 -33.09 8.79
N MET A 31 4.21 -31.97 8.53
CA MET A 31 3.64 -30.67 8.87
C MET A 31 2.50 -30.41 7.92
N LEU A 32 2.72 -30.70 6.64
CA LEU A 32 1.66 -30.50 5.67
C LEU A 32 0.43 -31.27 6.12
N SER A 33 0.64 -32.50 6.62
CA SER A 33 -0.46 -33.36 7.09
C SER A 33 -1.16 -32.80 8.32
N CYS A 34 -0.40 -32.15 9.20
CA CYS A 34 -0.97 -31.53 10.39
C CYS A 34 -1.83 -30.35 9.96
N LEU A 35 -1.33 -29.58 8.99
CA LEU A 35 -2.06 -28.42 8.49
C LEU A 35 -3.37 -28.90 7.87
N GLU A 36 -3.28 -29.97 7.11
CA GLU A 36 -4.43 -30.56 6.45
C GLU A 36 -5.48 -30.96 7.48
N HIS A 37 -5.05 -31.69 8.51
CA HIS A 37 -5.96 -32.11 9.57
C HIS A 37 -6.67 -30.92 10.20
N MET A 38 -5.93 -29.83 10.38
CA MET A 38 -6.50 -28.63 10.97
C MET A 38 -7.69 -28.11 10.19
N TYR A 39 -7.56 -28.09 8.88
CA TYR A 39 -8.66 -27.61 8.05
C TYR A 39 -9.87 -28.52 8.14
N HIS A 40 -9.67 -29.84 8.16
CA HIS A 40 -10.79 -30.76 8.27
C HIS A 40 -11.43 -30.62 9.66
N ASP A 41 -10.59 -30.67 10.68
CA ASP A 41 -11.03 -30.57 12.07
C ASP A 41 -11.78 -29.30 12.48
N LEU A 42 -11.44 -28.17 11.87
CA LEU A 42 -12.10 -26.90 12.20
C LEU A 42 -13.39 -26.76 11.39
N GLY A 43 -13.64 -27.71 10.50
CA GLY A 43 -14.85 -27.67 9.70
C GLY A 43 -14.77 -26.74 8.52
N LEU A 44 -13.56 -26.33 8.17
CA LEU A 44 -13.36 -25.44 7.05
C LEU A 44 -13.55 -26.18 5.72
N VAL A 45 -13.10 -27.43 5.65
CA VAL A 45 -13.25 -28.19 4.42
C VAL A 45 -14.76 -28.39 4.18
N ARG A 46 -15.46 -28.68 5.27
CA ARG A 46 -16.89 -28.91 5.25
C ARG A 46 -17.69 -27.67 4.87
N ASP A 47 -17.46 -26.57 5.59
CA ASP A 47 -18.22 -25.35 5.33
C ASP A 47 -17.88 -24.55 4.07
N PHE A 48 -16.73 -24.82 3.45
CA PHE A 48 -16.36 -24.08 2.25
C PHE A 48 -16.18 -24.99 1.04
N SER A 49 -16.68 -26.22 1.15
CA SER A 49 -16.61 -27.19 0.06
C SER A 49 -15.21 -27.25 -0.53
N ILE A 50 -14.21 -27.27 0.35
CA ILE A 50 -12.86 -27.34 -0.14
C ILE A 50 -12.61 -28.75 -0.65
N ASN A 51 -12.24 -28.88 -1.91
CA ASN A 51 -11.93 -30.20 -2.46
C ASN A 51 -10.76 -30.73 -1.62
N PRO A 52 -10.94 -31.88 -0.94
CA PRO A 52 -9.84 -32.41 -0.12
C PRO A 52 -8.52 -32.66 -0.83
N VAL A 53 -8.55 -32.89 -2.14
CA VAL A 53 -7.32 -33.11 -2.90
C VAL A 53 -6.61 -31.77 -3.12
N THR A 54 -7.40 -30.75 -3.46
CA THR A 54 -6.87 -29.42 -3.68
C THR A 54 -6.21 -28.87 -2.41
N LEU A 55 -6.76 -29.24 -1.25
CA LEU A 55 -6.23 -28.81 0.04
C LEU A 55 -4.78 -29.26 0.17
N ARG A 56 -4.51 -30.50 -0.24
CA ARG A 56 -3.16 -31.03 -0.18
C ARG A 56 -2.29 -30.42 -1.26
N ARG A 57 -2.82 -30.33 -2.47
CA ARG A 57 -2.04 -29.72 -3.55
C ARG A 57 -1.64 -28.31 -3.11
N TRP A 58 -2.61 -27.56 -2.59
CA TRP A 58 -2.39 -26.18 -2.13
C TRP A 58 -1.31 -26.08 -1.05
N LEU A 59 -1.40 -26.94 -0.05
CA LEU A 59 -0.41 -26.93 1.02
C LEU A 59 0.98 -27.13 0.46
N PHE A 60 1.04 -27.87 -0.65
CA PHE A 60 2.30 -28.16 -1.31
C PHE A 60 2.80 -26.93 -2.07
N CYS A 61 1.89 -26.27 -2.80
CA CYS A 61 2.23 -25.06 -3.56
C CYS A 61 2.76 -24.07 -2.53
N VAL A 62 2.09 -24.00 -1.38
CA VAL A 62 2.51 -23.09 -0.32
C VAL A 62 3.92 -23.43 0.15
N HIS A 63 4.16 -24.72 0.43
CA HIS A 63 5.46 -25.18 0.89
C HIS A 63 6.55 -24.83 -0.13
N ASP A 64 6.28 -25.12 -1.40
CA ASP A 64 7.24 -24.85 -2.44
C ASP A 64 7.63 -23.37 -2.53
N ASN A 65 6.71 -22.49 -2.14
CA ASN A 65 6.99 -21.05 -2.21
C ASN A 65 7.63 -20.43 -0.98
N TYR A 66 7.93 -21.23 0.02
CA TYR A 66 8.62 -20.67 1.18
C TYR A 66 10.09 -20.94 0.89
N ARG A 67 10.95 -20.00 1.28
CA ARG A 67 12.39 -20.14 1.05
C ARG A 67 13.08 -20.82 2.24
N ASN A 68 14.32 -21.27 2.01
CA ASN A 68 15.09 -21.93 3.06
C ASN A 68 15.86 -20.97 3.93
N ASN A 69 15.16 -20.06 4.59
CA ASN A 69 15.83 -19.12 5.46
C ASN A 69 16.03 -19.78 6.81
N PRO A 70 16.98 -19.28 7.60
CA PRO A 70 17.18 -19.90 8.91
C PRO A 70 15.95 -19.73 9.81
N PHE A 71 15.19 -18.66 9.59
CA PHE A 71 13.98 -18.41 10.37
C PHE A 71 12.70 -18.32 9.53
N HIS A 72 12.67 -17.39 8.57
CA HIS A 72 11.48 -17.20 7.74
C HIS A 72 11.31 -18.26 6.68
N ASN A 73 10.98 -19.46 7.16
CA ASN A 73 10.81 -20.64 6.33
C ASN A 73 9.46 -21.30 6.61
N PHE A 74 9.21 -22.40 5.91
CA PHE A 74 7.94 -23.12 6.05
C PHE A 74 7.66 -23.56 7.48
N ARG A 75 8.70 -23.97 8.21
CA ARG A 75 8.48 -24.40 9.57
C ARG A 75 7.92 -23.25 10.41
N HIS A 76 8.40 -22.02 10.16
CA HIS A 76 7.91 -20.86 10.91
C HIS A 76 6.43 -20.68 10.64
N CYS A 77 6.04 -20.76 9.37
CA CYS A 77 4.65 -20.61 8.98
C CYS A 77 3.79 -21.70 9.61
N PHE A 78 4.37 -22.87 9.84
CA PHE A 78 3.65 -23.97 10.47
C PHE A 78 3.48 -23.66 11.96
N CYS A 79 4.46 -22.96 12.52
CA CYS A 79 4.42 -22.57 13.93
C CYS A 79 3.25 -21.61 14.17
N VAL A 80 3.15 -20.62 13.30
CA VAL A 80 2.11 -19.61 13.38
C VAL A 80 0.73 -20.25 13.21
N ALA A 81 0.58 -21.06 12.17
CA ALA A 81 -0.69 -21.74 11.92
C ALA A 81 -1.06 -22.67 13.09
N GLN A 82 -0.10 -23.41 13.60
CA GLN A 82 -0.33 -24.34 14.72
C GLN A 82 -0.68 -23.60 16.01
N MET A 83 -0.12 -22.41 16.20
CA MET A 83 -0.42 -21.64 17.41
C MET A 83 -1.82 -21.05 17.27
N MET A 84 -2.14 -20.60 16.06
CA MET A 84 -3.46 -20.03 15.79
C MET A 84 -4.47 -21.12 16.10
N TYR A 85 -4.19 -22.32 15.62
CA TYR A 85 -5.04 -23.48 15.84
C TYR A 85 -5.22 -23.71 17.34
N SER A 86 -4.12 -23.63 18.08
CA SER A 86 -4.17 -23.82 19.53
C SER A 86 -5.06 -22.78 20.18
N MET A 87 -4.98 -21.55 19.68
CA MET A 87 -5.78 -20.51 20.26
C MET A 87 -7.27 -20.66 19.93
N VAL A 88 -7.57 -21.22 18.77
CA VAL A 88 -8.97 -21.42 18.39
C VAL A 88 -9.62 -22.31 19.45
N TRP A 89 -8.84 -23.25 19.98
CA TRP A 89 -9.33 -24.17 21.01
C TRP A 89 -9.24 -23.58 22.40
N LEU A 90 -8.08 -23.03 22.74
CA LEU A 90 -7.88 -22.42 24.06
C LEU A 90 -8.94 -21.36 24.37
N CYS A 91 -9.14 -20.43 23.43
CA CYS A 91 -10.09 -19.35 23.61
C CYS A 91 -11.48 -19.62 23.04
N SER A 92 -11.75 -20.87 22.66
CA SER A 92 -13.04 -21.25 22.09
C SER A 92 -13.49 -20.23 21.04
N LEU A 93 -12.57 -19.85 20.18
CA LEU A 93 -12.85 -18.89 19.14
C LEU A 93 -14.06 -19.20 18.26
N GLN A 94 -14.42 -20.47 18.11
CA GLN A 94 -15.55 -20.81 17.24
C GLN A 94 -16.92 -20.42 17.79
N GLU A 95 -16.94 -19.79 18.95
CA GLU A 95 -18.19 -19.35 19.55
C GLU A 95 -18.30 -17.84 19.43
N LYS A 96 -17.22 -17.20 19.01
CA LYS A 96 -17.22 -15.75 18.84
C LYS A 96 -17.01 -15.41 17.37
N PHE A 97 -16.39 -16.31 16.63
CA PHE A 97 -16.09 -16.08 15.22
C PHE A 97 -16.85 -16.95 14.25
N SER A 98 -17.17 -16.37 13.09
CA SER A 98 -17.84 -17.11 12.05
C SER A 98 -16.79 -18.04 11.45
N GLN A 99 -17.22 -18.99 10.63
CA GLN A 99 -16.28 -19.91 10.01
C GLN A 99 -15.43 -19.15 8.97
N THR A 100 -15.95 -18.04 8.47
CA THR A 100 -15.21 -17.26 7.50
C THR A 100 -14.04 -16.60 8.21
N ASP A 101 -14.27 -16.12 9.43
CA ASP A 101 -13.20 -15.50 10.22
C ASP A 101 -12.10 -16.53 10.49
N ILE A 102 -12.51 -17.74 10.89
CA ILE A 102 -11.57 -18.80 11.18
C ILE A 102 -10.75 -19.13 9.92
N LEU A 103 -11.42 -19.21 8.78
CA LEU A 103 -10.73 -19.51 7.53
C LEU A 103 -9.66 -18.44 7.25
N ILE A 104 -10.05 -17.18 7.43
CA ILE A 104 -9.14 -16.06 7.21
C ILE A 104 -7.94 -16.14 8.16
N LEU A 105 -8.21 -16.46 9.42
CA LEU A 105 -7.14 -16.57 10.38
C LEU A 105 -6.16 -17.69 10.02
N MET A 106 -6.67 -18.89 9.77
CA MET A 106 -5.81 -20.02 9.43
C MET A 106 -5.06 -19.83 8.12
N THR A 107 -5.75 -19.38 7.07
CA THR A 107 -5.08 -19.21 5.80
C THR A 107 -4.09 -18.05 5.80
N ALA A 108 -4.37 -17.00 6.54
CA ALA A 108 -3.45 -15.87 6.60
C ALA A 108 -2.18 -16.29 7.34
N ALA A 109 -2.35 -17.02 8.45
CA ALA A 109 -1.22 -17.47 9.25
C ALA A 109 -0.31 -18.37 8.43
N ILE A 110 -0.90 -19.22 7.61
CA ILE A 110 -0.12 -20.13 6.77
C ILE A 110 0.62 -19.38 5.66
N CYS A 111 -0.04 -18.38 5.08
CA CYS A 111 0.57 -17.62 3.99
C CYS A 111 1.30 -16.31 4.35
N HIS A 112 1.30 -15.91 5.62
CA HIS A 112 1.86 -14.61 6.00
C HIS A 112 3.32 -14.25 5.72
N ASP A 113 4.16 -15.23 5.40
CA ASP A 113 5.58 -14.96 5.12
C ASP A 113 6.02 -15.61 3.81
N LEU A 114 5.09 -15.86 2.91
CA LEU A 114 5.42 -16.49 1.63
C LEU A 114 6.57 -15.81 0.88
N ASP A 115 7.52 -16.61 0.43
CA ASP A 115 8.66 -16.13 -0.34
C ASP A 115 9.48 -15.02 0.32
N HIS A 116 9.70 -15.13 1.63
CA HIS A 116 10.47 -14.14 2.39
C HIS A 116 11.95 -14.28 1.97
N PRO A 117 12.65 -13.15 1.78
CA PRO A 117 14.05 -13.21 1.37
C PRO A 117 15.11 -13.28 2.49
N GLY A 118 14.71 -13.12 3.74
CA GLY A 118 15.69 -13.17 4.81
C GLY A 118 16.25 -11.82 5.23
N TYR A 119 15.79 -10.75 4.59
CA TYR A 119 16.21 -9.37 4.91
C TYR A 119 14.92 -8.58 5.08
N ASN A 120 14.76 -7.92 6.21
CA ASN A 120 13.53 -7.20 6.48
C ASN A 120 13.25 -5.96 5.64
N ASN A 121 12.15 -5.26 5.95
CA ASN A 121 11.76 -4.07 5.20
C ASN A 121 12.81 -2.96 5.26
N THR A 122 13.44 -2.78 6.42
CA THR A 122 14.46 -1.74 6.56
C THR A 122 15.60 -1.97 5.57
N TYR A 123 15.99 -3.23 5.37
CA TYR A 123 17.04 -3.49 4.40
C TYR A 123 16.49 -3.14 3.02
N GLN A 124 15.35 -3.72 2.68
CA GLN A 124 14.69 -3.47 1.38
C GLN A 124 14.64 -1.99 1.02
N ILE A 125 14.15 -1.19 1.96
CA ILE A 125 14.02 0.24 1.75
C ILE A 125 15.40 0.94 1.62
N ASN A 126 16.26 0.80 2.64
CA ASN A 126 17.59 1.41 2.63
C ASN A 126 18.46 1.01 1.42
N ALA A 127 18.32 -0.23 0.96
CA ALA A 127 19.10 -0.71 -0.19
C ALA A 127 18.36 -0.47 -1.52
N ARG A 128 17.17 0.13 -1.43
CA ARG A 128 16.35 0.41 -2.60
C ARG A 128 16.23 -0.77 -3.54
N THR A 129 15.86 -1.91 -2.97
CA THR A 129 15.67 -3.15 -3.73
C THR A 129 14.45 -3.07 -4.65
N GLU A 130 14.30 -4.04 -5.53
CA GLU A 130 13.16 -4.05 -6.44
C GLU A 130 11.84 -4.11 -5.68
N LEU A 131 11.82 -4.77 -4.53
CA LEU A 131 10.61 -4.86 -3.74
C LEU A 131 10.21 -3.54 -3.13
N ALA A 132 11.17 -2.82 -2.56
CA ALA A 132 10.86 -1.52 -1.96
C ALA A 132 10.42 -0.52 -3.04
N VAL A 133 10.92 -0.70 -4.25
CA VAL A 133 10.56 0.17 -5.35
C VAL A 133 9.17 -0.17 -5.83
N ARG A 134 8.89 -1.47 -5.93
CA ARG A 134 7.58 -1.92 -6.38
C ARG A 134 6.45 -1.46 -5.45
N TYR A 135 6.68 -1.54 -4.14
CA TYR A 135 5.67 -1.16 -3.17
C TYR A 135 5.88 0.19 -2.52
N ASN A 136 6.61 1.07 -3.20
CA ASN A 136 6.86 2.41 -2.71
C ASN A 136 7.15 2.52 -1.20
N ASP A 137 8.03 1.66 -0.72
CA ASP A 137 8.47 1.60 0.69
C ASP A 137 7.33 1.40 1.69
N ILE A 138 6.19 0.89 1.22
CA ILE A 138 5.06 0.63 2.11
C ILE A 138 5.00 -0.87 2.38
N SER A 139 5.34 -1.27 3.61
CA SER A 139 5.37 -2.68 4.00
C SER A 139 5.66 -3.57 2.80
N PRO A 140 6.79 -3.32 2.10
CA PRO A 140 7.14 -4.11 0.92
C PRO A 140 7.09 -5.63 1.06
N LEU A 141 7.65 -6.17 2.14
CA LEU A 141 7.61 -7.61 2.31
C LEU A 141 6.18 -8.15 2.51
N GLU A 142 5.45 -7.62 3.48
CA GLU A 142 4.10 -8.10 3.74
C GLU A 142 3.23 -8.03 2.49
N ASN A 143 3.36 -6.95 1.74
CA ASN A 143 2.61 -6.78 0.49
C ASN A 143 2.99 -7.91 -0.46
N HIS A 144 4.27 -8.25 -0.47
CA HIS A 144 4.74 -9.31 -1.34
C HIS A 144 4.22 -10.68 -0.91
N HIS A 145 4.29 -10.98 0.39
CA HIS A 145 3.83 -12.27 0.89
C HIS A 145 2.38 -12.48 0.46
N CYS A 146 1.58 -11.44 0.64
CA CYS A 146 0.17 -11.45 0.31
C CYS A 146 -0.09 -11.68 -1.21
N ALA A 147 0.67 -11.02 -2.06
CA ALA A 147 0.51 -11.18 -3.50
C ALA A 147 0.88 -12.62 -3.92
N VAL A 148 1.91 -13.18 -3.31
CA VAL A 148 2.30 -14.53 -3.66
C VAL A 148 1.18 -15.45 -3.24
N ALA A 149 0.62 -15.22 -2.06
CA ALA A 149 -0.48 -16.04 -1.58
C ALA A 149 -1.63 -16.06 -2.59
N PHE A 150 -1.97 -14.92 -3.18
CA PHE A 150 -3.06 -14.93 -4.12
C PHE A 150 -2.68 -15.33 -5.53
N GLN A 151 -1.37 -15.32 -5.81
CA GLN A 151 -0.92 -15.78 -7.12
C GLN A 151 -1.09 -17.30 -7.04
N ILE A 152 -0.75 -17.86 -5.89
CA ILE A 152 -0.88 -19.29 -5.66
C ILE A 152 -2.35 -19.68 -5.82
N LEU A 153 -3.24 -18.99 -5.11
CA LEU A 153 -4.66 -19.28 -5.19
C LEU A 153 -5.23 -19.01 -6.58
N ALA A 154 -4.48 -18.32 -7.42
CA ALA A 154 -4.96 -18.03 -8.76
C ALA A 154 -4.75 -19.22 -9.70
N GLU A 155 -3.96 -20.21 -9.27
CA GLU A 155 -3.71 -21.40 -10.08
C GLU A 155 -4.77 -22.42 -9.69
N PRO A 156 -5.74 -22.67 -10.57
CA PRO A 156 -6.83 -23.62 -10.29
C PRO A 156 -6.47 -24.90 -9.52
N GLU A 157 -5.29 -25.45 -9.74
CA GLU A 157 -4.93 -26.67 -9.02
C GLU A 157 -4.68 -26.45 -7.53
N CYS A 158 -4.31 -25.22 -7.14
CA CYS A 158 -4.04 -24.89 -5.74
C CYS A 158 -5.19 -24.08 -5.13
N ASN A 159 -6.18 -23.74 -5.93
CA ASN A 159 -7.27 -22.92 -5.44
C ASN A 159 -8.30 -23.54 -4.49
N ILE A 160 -7.95 -23.58 -3.21
CA ILE A 160 -8.83 -24.15 -2.20
C ILE A 160 -10.12 -23.35 -2.04
N PHE A 161 -10.22 -22.22 -2.73
CA PHE A 161 -11.43 -21.40 -2.63
C PHE A 161 -12.32 -21.50 -3.87
N SER A 162 -11.97 -22.39 -4.80
CA SER A 162 -12.73 -22.55 -6.03
C SER A 162 -14.23 -22.77 -5.86
N ASN A 163 -14.66 -23.33 -4.74
CA ASN A 163 -16.08 -23.55 -4.57
C ASN A 163 -16.75 -22.57 -3.62
N ILE A 164 -16.15 -21.40 -3.49
CA ILE A 164 -16.71 -20.37 -2.63
C ILE A 164 -17.26 -19.30 -3.58
N PRO A 165 -18.51 -18.88 -3.38
CA PRO A 165 -19.03 -17.85 -4.30
C PRO A 165 -18.15 -16.59 -4.23
N PRO A 166 -18.10 -15.81 -5.33
CA PRO A 166 -17.30 -14.57 -5.42
C PRO A 166 -17.43 -13.58 -4.27
N ASP A 167 -18.63 -13.42 -3.73
CA ASP A 167 -18.83 -12.50 -2.60
C ASP A 167 -18.00 -12.95 -1.43
N GLY A 168 -17.95 -14.27 -1.23
CA GLY A 168 -17.21 -14.83 -0.14
C GLY A 168 -15.72 -14.68 -0.35
N PHE A 169 -15.28 -14.96 -1.58
CA PHE A 169 -13.88 -14.84 -1.93
C PHE A 169 -13.43 -13.42 -1.61
N LYS A 170 -14.21 -12.44 -2.05
CA LYS A 170 -13.89 -11.04 -1.79
C LYS A 170 -13.71 -10.76 -0.31
N GLN A 171 -14.65 -11.22 0.50
CA GLN A 171 -14.57 -10.98 1.92
C GLN A 171 -13.35 -11.70 2.53
N ILE A 172 -13.03 -12.88 2.02
CA ILE A 172 -11.88 -13.63 2.53
C ILE A 172 -10.57 -12.98 2.09
N ARG A 173 -10.54 -12.50 0.84
CA ARG A 173 -9.37 -11.85 0.30
C ARG A 173 -9.03 -10.59 1.09
N GLN A 174 -10.04 -9.74 1.28
CA GLN A 174 -9.87 -8.51 2.02
C GLN A 174 -9.40 -8.82 3.45
N GLY A 175 -9.96 -9.85 4.04
CA GLY A 175 -9.58 -10.22 5.39
C GLY A 175 -8.14 -10.70 5.49
N MET A 176 -7.74 -11.53 4.54
CA MET A 176 -6.38 -12.05 4.54
C MET A 176 -5.38 -10.93 4.31
N ILE A 177 -5.68 -10.04 3.38
CA ILE A 177 -4.79 -8.92 3.11
C ILE A 177 -4.56 -8.09 4.37
N THR A 178 -5.64 -7.79 5.08
CA THR A 178 -5.56 -7.00 6.30
C THR A 178 -4.70 -7.67 7.35
N LEU A 179 -4.90 -8.97 7.54
CA LEU A 179 -4.13 -9.68 8.55
C LEU A 179 -2.64 -9.82 8.21
N ILE A 180 -2.30 -10.13 6.96
CA ILE A 180 -0.91 -10.27 6.58
C ILE A 180 -0.16 -8.94 6.66
N LEU A 181 -0.78 -7.88 6.15
CA LEU A 181 -0.15 -6.57 6.23
C LEU A 181 -0.02 -6.16 7.71
N ALA A 182 -0.87 -6.70 8.56
CA ALA A 182 -0.83 -6.33 9.96
C ALA A 182 0.35 -6.93 10.71
N THR A 183 1.06 -7.87 10.09
CA THR A 183 2.20 -8.51 10.77
C THR A 183 3.48 -7.68 10.75
N ASP A 184 3.49 -6.61 9.96
CA ASP A 184 4.65 -5.73 9.90
C ASP A 184 4.78 -5.03 11.26
N MET A 185 5.81 -5.42 12.03
CA MET A 185 6.06 -4.87 13.36
C MET A 185 6.19 -3.35 13.42
N ALA A 186 6.49 -2.72 12.30
CA ALA A 186 6.62 -1.27 12.26
C ALA A 186 5.27 -0.66 12.66
N ARG A 187 4.20 -1.45 12.50
CA ARG A 187 2.84 -1.01 12.84
C ARG A 187 2.41 -1.50 14.20
N HIS A 188 3.27 -2.22 14.90
CA HIS A 188 2.91 -2.77 16.19
C HIS A 188 2.31 -1.80 17.21
N ALA A 189 2.92 -0.62 17.35
CA ALA A 189 2.44 0.38 18.31
C ALA A 189 1.04 0.89 17.93
N GLU A 190 0.87 1.23 16.66
CA GLU A 190 -0.40 1.72 16.11
C GLU A 190 -1.51 0.72 16.44
N ILE A 191 -1.33 -0.51 15.98
CA ILE A 191 -2.33 -1.55 16.18
C ILE A 191 -2.66 -1.83 17.64
N MET A 192 -1.65 -1.88 18.49
CA MET A 192 -1.90 -2.12 19.91
C MET A 192 -2.73 -0.97 20.49
N ASP A 193 -2.41 0.25 20.09
CA ASP A 193 -3.16 1.40 20.57
C ASP A 193 -4.61 1.32 20.13
N SER A 194 -4.84 1.06 18.85
CA SER A 194 -6.21 0.95 18.35
C SER A 194 -6.96 -0.12 19.11
N PHE A 195 -6.35 -1.29 19.24
CA PHE A 195 -6.99 -2.39 19.94
C PHE A 195 -7.29 -2.07 21.40
N LYS A 196 -6.33 -1.49 22.11
CA LYS A 196 -6.55 -1.17 23.51
C LYS A 196 -7.65 -0.14 23.69
N GLU A 197 -7.81 0.69 22.67
CA GLU A 197 -8.84 1.71 22.67
C GLU A 197 -10.18 0.99 22.59
N LYS A 198 -10.31 0.08 21.62
CA LYS A 198 -11.52 -0.69 21.45
C LYS A 198 -11.76 -1.57 22.68
N MET A 199 -10.68 -1.88 23.39
CA MET A 199 -10.76 -2.74 24.57
C MET A 199 -11.45 -2.04 25.75
N GLU A 200 -11.59 -0.72 25.67
CA GLU A 200 -12.24 0.05 26.73
C GLU A 200 -13.69 -0.39 26.91
N ASN A 201 -14.23 -1.03 25.89
CA ASN A 201 -15.60 -1.53 25.90
C ASN A 201 -15.73 -2.38 24.65
N PHE A 202 -15.03 -3.51 24.65
CA PHE A 202 -15.05 -4.40 23.48
C PHE A 202 -16.45 -4.89 23.16
N ASP A 203 -16.71 -5.07 21.87
CA ASP A 203 -18.02 -5.52 21.40
C ASP A 203 -17.82 -6.56 20.29
N TYR A 204 -18.11 -7.82 20.60
CA TYR A 204 -17.94 -8.90 19.62
C TYR A 204 -18.79 -8.78 18.36
N SER A 205 -19.75 -7.86 18.37
CA SER A 205 -20.60 -7.69 17.20
C SER A 205 -20.17 -6.47 16.39
N ASN A 206 -19.22 -5.71 16.92
CA ASN A 206 -18.73 -4.56 16.18
C ASN A 206 -17.66 -5.07 15.21
N GLU A 207 -17.90 -4.86 13.92
CA GLU A 207 -16.99 -5.31 12.87
C GLU A 207 -15.58 -4.75 13.02
N GLU A 208 -15.48 -3.45 13.32
CA GLU A 208 -14.17 -2.84 13.49
C GLU A 208 -13.47 -3.46 14.70
N HIS A 209 -14.26 -3.87 15.69
CA HIS A 209 -13.72 -4.48 16.89
C HIS A 209 -13.11 -5.83 16.56
N MET A 210 -13.82 -6.63 15.75
CA MET A 210 -13.37 -7.95 15.38
C MET A 210 -12.15 -7.95 14.47
N THR A 211 -12.10 -6.99 13.55
CA THR A 211 -10.96 -6.89 12.65
C THR A 211 -9.69 -6.67 13.44
N LEU A 212 -9.74 -5.82 14.45
CA LEU A 212 -8.59 -5.55 15.29
C LEU A 212 -8.21 -6.75 16.12
N LEU A 213 -9.21 -7.48 16.61
CA LEU A 213 -8.97 -8.67 17.41
C LEU A 213 -8.25 -9.74 16.58
N LYS A 214 -8.66 -9.90 15.32
CA LYS A 214 -8.03 -10.87 14.43
C LYS A 214 -6.60 -10.40 14.10
N MET A 215 -6.41 -9.09 13.98
CA MET A 215 -5.08 -8.55 13.70
C MET A 215 -4.17 -8.88 14.89
N ILE A 216 -4.69 -8.68 16.10
CA ILE A 216 -3.93 -8.97 17.32
C ILE A 216 -3.66 -10.48 17.42
N LEU A 217 -4.63 -11.30 17.03
CA LEU A 217 -4.47 -12.74 17.11
C LEU A 217 -3.34 -13.27 16.22
N ILE A 218 -3.31 -12.85 14.96
CA ILE A 218 -2.28 -13.31 14.05
C ILE A 218 -0.92 -12.72 14.48
N LYS A 219 -0.92 -11.53 15.06
CA LYS A 219 0.32 -10.94 15.54
C LYS A 219 0.81 -11.79 16.70
N CYS A 220 -0.11 -12.22 17.55
CA CYS A 220 0.26 -13.05 18.70
C CYS A 220 0.88 -14.36 18.25
N CYS A 221 0.29 -14.97 17.22
CA CYS A 221 0.79 -16.23 16.73
C CYS A 221 2.12 -16.09 16.01
N ASP A 222 2.29 -14.98 15.31
CA ASP A 222 3.52 -14.74 14.55
C ASP A 222 4.76 -14.56 15.42
N ILE A 223 4.63 -13.95 16.60
CA ILE A 223 5.80 -13.75 17.46
C ILE A 223 5.70 -14.51 18.78
N SER A 224 4.98 -15.62 18.76
CA SER A 224 4.75 -16.43 19.95
C SER A 224 5.79 -17.53 20.26
N ASN A 225 6.93 -17.55 19.59
CA ASN A 225 7.89 -18.62 19.89
C ASN A 225 8.11 -18.81 21.40
N GLU A 226 8.30 -17.72 22.15
CA GLU A 226 8.55 -17.83 23.59
C GLU A 226 7.45 -18.40 24.47
N VAL A 227 6.27 -18.62 23.92
CA VAL A 227 5.15 -19.18 24.67
C VAL A 227 5.35 -20.69 24.79
N ARG A 228 6.02 -21.26 23.80
CA ARG A 228 6.29 -22.70 23.74
C ARG A 228 7.34 -23.07 24.79
N PRO A 229 7.44 -24.37 25.12
CA PRO A 229 8.41 -24.86 26.11
C PRO A 229 9.82 -24.38 25.76
N MET A 230 10.62 -24.07 26.78
CA MET A 230 11.98 -23.59 26.57
C MET A 230 12.76 -24.34 25.49
N GLU A 231 12.73 -25.66 25.54
CA GLU A 231 13.46 -26.47 24.57
C GLU A 231 13.02 -26.21 23.14
N VAL A 232 11.74 -25.91 22.95
CA VAL A 232 11.21 -25.67 21.62
C VAL A 232 11.42 -24.22 21.16
N ALA A 233 11.33 -23.28 22.08
CA ALA A 233 11.49 -21.86 21.75
C ALA A 233 12.90 -21.34 21.52
N GLU A 234 13.85 -21.73 22.37
CA GLU A 234 15.23 -21.23 22.26
C GLU A 234 15.84 -21.32 20.87
N PRO A 235 15.81 -22.51 20.25
CA PRO A 235 16.40 -22.62 18.92
C PRO A 235 15.87 -21.62 17.88
N TRP A 236 14.65 -21.11 18.04
CA TRP A 236 14.11 -20.12 17.11
C TRP A 236 14.87 -18.81 17.24
N VAL A 237 15.19 -18.41 18.47
CA VAL A 237 15.91 -17.16 18.67
C VAL A 237 17.25 -17.18 17.94
N ASP A 238 17.98 -18.27 18.06
CA ASP A 238 19.26 -18.37 17.38
C ASP A 238 19.02 -18.30 15.88
N CYS A 239 17.96 -18.94 15.41
CA CYS A 239 17.63 -18.92 13.98
C CYS A 239 17.36 -17.51 13.50
N LEU A 240 16.58 -16.75 14.26
CA LEU A 240 16.28 -15.38 13.86
C LEU A 240 17.57 -14.57 13.81
N LEU A 241 18.38 -14.68 14.87
CA LEU A 241 19.65 -13.96 14.93
C LEU A 241 20.58 -14.31 13.77
N GLU A 242 20.59 -15.58 13.38
CA GLU A 242 21.42 -16.02 12.27
C GLU A 242 21.04 -15.19 11.04
N GLU A 243 19.73 -15.03 10.86
CA GLU A 243 19.19 -14.28 9.74
C GLU A 243 19.55 -12.81 9.89
N TYR A 244 19.40 -12.29 11.11
CA TYR A 244 19.70 -10.89 11.38
C TYR A 244 21.16 -10.53 11.17
N PHE A 245 22.07 -11.38 11.63
CA PHE A 245 23.49 -11.10 11.46
C PHE A 245 23.85 -11.14 9.98
N MET A 246 23.15 -11.97 9.23
CA MET A 246 23.39 -12.09 7.81
C MET A 246 23.06 -10.75 7.13
N GLN A 247 22.05 -10.05 7.68
CA GLN A 247 21.62 -8.77 7.15
C GLN A 247 22.59 -7.66 7.55
N SER A 248 22.87 -7.56 8.85
CA SER A 248 23.77 -6.54 9.36
C SER A 248 25.17 -6.65 8.76
N ASP A 249 25.54 -7.86 8.34
CA ASP A 249 26.85 -8.07 7.71
C ASP A 249 26.79 -7.40 6.36
N ARG A 250 25.77 -7.76 5.61
CA ARG A 250 25.55 -7.22 4.29
C ARG A 250 25.39 -5.70 4.36
N GLU A 251 24.69 -5.22 5.38
CA GLU A 251 24.45 -3.77 5.54
C GLU A 251 25.73 -2.97 5.79
N LYS A 252 26.62 -3.50 6.64
CA LYS A 252 27.87 -2.82 6.95
C LYS A 252 28.81 -2.75 5.76
N SER A 253 28.82 -3.82 4.95
CA SER A 253 29.68 -3.85 3.76
C SER A 253 28.98 -3.30 2.51
N GLU A 254 27.97 -2.47 2.72
CA GLU A 254 27.26 -1.84 1.61
C GLU A 254 27.03 -0.39 1.96
N GLY A 255 27.39 -0.03 3.19
CA GLY A 255 27.25 1.34 3.64
C GLY A 255 25.91 1.69 4.24
N LEU A 256 25.04 0.69 4.38
CA LEU A 256 23.70 0.90 4.94
C LEU A 256 23.73 0.85 6.45
N PRO A 257 22.85 1.63 7.11
CA PRO A 257 22.81 1.64 8.58
C PRO A 257 22.42 0.26 9.14
N VAL A 258 22.81 0.00 10.38
CA VAL A 258 22.50 -1.28 11.00
C VAL A 258 21.68 -1.10 12.27
N ALA A 259 20.66 -1.93 12.41
CA ALA A 259 19.78 -1.87 13.58
C ALA A 259 20.53 -2.34 14.82
N PRO A 260 20.48 -1.56 15.91
CA PRO A 260 21.18 -1.92 17.15
C PRO A 260 20.87 -3.36 17.58
N PHE A 261 19.61 -3.77 17.43
CA PHE A 261 19.20 -5.11 17.84
C PHE A 261 19.69 -6.18 16.87
N MET A 262 20.30 -5.75 15.77
CA MET A 262 20.84 -6.69 14.80
C MET A 262 22.36 -6.60 14.81
N ASP A 263 22.87 -5.66 15.61
CA ASP A 263 24.30 -5.44 15.71
C ASP A 263 25.02 -6.48 16.54
N ARG A 264 25.83 -7.27 15.84
CA ARG A 264 26.61 -8.33 16.46
C ARG A 264 27.30 -7.82 17.72
N ASP A 265 27.81 -6.58 17.66
CA ASP A 265 28.52 -5.98 18.77
C ASP A 265 27.66 -5.37 19.88
N LYS A 266 26.34 -5.42 19.75
CA LYS A 266 25.47 -4.84 20.78
C LYS A 266 24.34 -5.79 21.24
N VAL A 267 23.96 -6.73 20.37
CA VAL A 267 22.89 -7.65 20.70
C VAL A 267 23.34 -8.95 21.35
N THR A 268 22.71 -9.28 22.47
CA THR A 268 23.00 -10.53 23.17
C THR A 268 21.64 -11.18 23.29
N LYS A 269 21.56 -12.46 22.94
CA LYS A 269 20.32 -13.18 23.00
C LYS A 269 19.53 -12.85 24.28
N ALA A 270 20.21 -12.82 25.42
CA ALA A 270 19.57 -12.54 26.69
C ALA A 270 18.96 -11.14 26.78
N THR A 271 19.78 -10.11 26.63
CA THR A 271 19.29 -8.75 26.72
C THR A 271 18.14 -8.48 25.76
N ALA A 272 18.29 -8.93 24.52
CA ALA A 272 17.26 -8.74 23.49
C ALA A 272 15.93 -9.38 23.88
N GLN A 273 15.95 -10.67 24.19
CA GLN A 273 14.73 -11.35 24.57
C GLN A 273 14.07 -10.82 25.84
N ILE A 274 14.87 -10.28 26.76
CA ILE A 274 14.32 -9.74 28.00
C ILE A 274 13.45 -8.53 27.60
N GLY A 275 14.00 -7.68 26.72
CA GLY A 275 13.27 -6.51 26.29
C GLY A 275 12.05 -6.88 25.46
N PHE A 276 12.26 -7.73 24.47
CA PHE A 276 11.19 -8.17 23.59
C PHE A 276 10.08 -8.83 24.37
N ILE A 277 10.45 -9.58 25.40
CA ILE A 277 9.48 -10.28 26.22
C ILE A 277 8.70 -9.38 27.17
N LYS A 278 9.35 -8.36 27.71
CA LYS A 278 8.70 -7.47 28.66
C LYS A 278 7.98 -6.26 28.07
N PHE A 279 8.41 -5.80 26.91
CA PHE A 279 7.79 -4.63 26.32
C PHE A 279 6.97 -4.89 25.05
N VAL A 280 6.94 -6.12 24.58
CA VAL A 280 6.17 -6.45 23.38
C VAL A 280 5.24 -7.64 23.64
N LEU A 281 5.83 -8.78 23.92
CA LEU A 281 5.08 -10.00 24.18
C LEU A 281 4.12 -9.99 25.37
N ILE A 282 4.65 -9.82 26.57
CA ILE A 282 3.80 -9.81 27.76
C ILE A 282 2.68 -8.77 27.70
N PRO A 283 3.00 -7.54 27.30
CA PRO A 283 1.94 -6.53 27.24
C PRO A 283 0.84 -6.92 26.25
N MET A 284 1.24 -7.44 25.09
CA MET A 284 0.26 -7.83 24.08
C MET A 284 -0.65 -8.95 24.57
N PHE A 285 -0.09 -9.96 25.21
CA PHE A 285 -0.91 -11.08 25.69
C PHE A 285 -1.68 -10.73 26.95
N GLU A 286 -1.24 -9.66 27.60
CA GLU A 286 -1.88 -9.20 28.82
C GLU A 286 -3.23 -8.57 28.48
N THR A 287 -3.26 -7.73 27.43
CA THR A 287 -4.50 -7.10 27.02
C THR A 287 -5.44 -8.12 26.36
N VAL A 288 -4.88 -9.20 25.84
CA VAL A 288 -5.67 -10.24 25.21
C VAL A 288 -6.33 -11.07 26.32
N THR A 289 -5.60 -11.25 27.42
CA THR A 289 -6.11 -12.02 28.55
C THR A 289 -7.37 -11.40 29.12
N LYS A 290 -7.47 -10.08 29.02
CA LYS A 290 -8.63 -9.37 29.54
C LYS A 290 -9.89 -9.77 28.77
N LEU A 291 -9.71 -10.41 27.63
CA LEU A 291 -10.82 -10.86 26.79
C LEU A 291 -10.97 -12.38 26.96
N PHE A 292 -9.84 -13.07 27.07
CA PHE A 292 -9.82 -14.53 27.26
C PHE A 292 -8.95 -14.85 28.49
N PRO A 293 -9.60 -15.09 29.64
CA PRO A 293 -8.93 -15.42 30.91
C PRO A 293 -8.02 -16.64 30.90
N MET A 294 -8.44 -17.71 30.20
CA MET A 294 -7.66 -18.93 30.13
C MET A 294 -6.27 -18.70 29.50
N VAL A 295 -6.13 -17.62 28.76
CA VAL A 295 -4.87 -17.28 28.12
C VAL A 295 -3.75 -17.00 29.11
N GLU A 296 -4.10 -16.48 30.29
CA GLU A 296 -3.08 -16.17 31.28
C GLU A 296 -2.28 -17.39 31.75
N GLU A 297 -2.98 -18.47 32.02
CA GLU A 297 -2.33 -19.66 32.51
C GLU A 297 -1.58 -20.46 31.44
N ILE A 298 -2.17 -20.58 30.25
CA ILE A 298 -1.56 -21.36 29.19
C ILE A 298 -0.47 -20.63 28.39
N MET A 299 -0.51 -19.30 28.38
CA MET A 299 0.46 -18.54 27.60
C MET A 299 1.22 -17.43 28.31
N LEU A 300 0.58 -16.69 29.21
CA LEU A 300 1.25 -15.61 29.91
C LEU A 300 2.24 -16.20 30.92
N GLN A 301 1.90 -17.36 31.46
CA GLN A 301 2.73 -18.06 32.44
C GLN A 301 4.10 -18.42 31.84
N PRO A 302 4.12 -19.16 30.72
CA PRO A 302 5.42 -19.50 30.16
C PRO A 302 6.25 -18.28 29.73
N LEU A 303 5.56 -17.19 29.38
CA LEU A 303 6.27 -15.98 28.99
C LEU A 303 6.98 -15.37 30.20
N TRP A 304 6.36 -15.50 31.36
CA TRP A 304 6.98 -14.97 32.58
C TRP A 304 8.21 -15.80 32.88
N GLU A 305 8.09 -17.11 32.71
CA GLU A 305 9.20 -18.01 32.96
C GLU A 305 10.32 -17.67 31.98
N SER A 306 9.96 -17.56 30.71
CA SER A 306 10.93 -17.24 29.68
C SER A 306 11.67 -15.95 30.03
N ARG A 307 10.94 -14.98 30.54
CA ARG A 307 11.54 -13.70 30.91
C ARG A 307 12.52 -13.89 32.05
N ASP A 308 12.12 -14.62 33.07
CA ASP A 308 12.98 -14.85 34.22
C ASP A 308 14.24 -15.61 33.85
N ARG A 309 14.10 -16.64 33.01
CA ARG A 309 15.25 -17.42 32.59
C ARG A 309 16.25 -16.56 31.82
N TYR A 310 15.76 -15.69 30.94
CA TYR A 310 16.66 -14.83 30.18
C TYR A 310 17.33 -13.81 31.09
N GLU A 311 16.64 -13.38 32.12
CA GLU A 311 17.24 -12.44 33.04
C GLU A 311 18.40 -13.08 33.79
N GLU A 312 18.27 -14.37 34.10
CA GLU A 312 19.35 -15.08 34.79
C GLU A 312 20.49 -15.30 33.80
N LEU A 313 20.15 -15.70 32.58
CA LEU A 313 21.15 -15.93 31.54
C LEU A 313 21.93 -14.66 31.24
N LYS A 314 21.33 -13.51 31.51
CA LYS A 314 22.01 -12.25 31.23
C LYS A 314 23.15 -12.00 32.20
N ARG A 315 22.94 -12.34 33.47
CA ARG A 315 23.98 -12.16 34.47
C ARG A 315 25.19 -13.02 34.08
N ILE A 316 24.94 -14.31 33.85
CA ILE A 316 25.99 -15.24 33.43
C ILE A 316 26.71 -14.69 32.20
N ASP A 317 25.93 -14.28 31.21
CA ASP A 317 26.46 -13.71 29.97
C ASP A 317 27.37 -12.50 30.17
N ASP A 318 26.91 -11.56 31.00
CA ASP A 318 27.68 -10.35 31.26
C ASP A 318 29.01 -10.69 31.92
N ALA A 319 28.99 -11.66 32.82
CA ALA A 319 30.21 -12.07 33.51
C ALA A 319 31.25 -12.58 32.51
N MET A 320 30.87 -13.57 31.72
CA MET A 320 31.79 -14.14 30.75
C MET A 320 32.28 -13.18 29.68
N LYS A 321 31.52 -12.14 29.39
CA LYS A 321 31.95 -11.20 28.38
C LYS A 321 32.91 -10.18 28.94
N GLU A 322 33.02 -10.12 30.28
CA GLU A 322 33.98 -9.24 30.92
C GLU A 322 35.34 -9.89 30.62
N LEU A 323 35.39 -11.21 30.78
CA LEU A 323 36.59 -12.02 30.57
C LEU A 323 37.07 -12.07 29.14
N GLN A 324 36.13 -12.16 28.20
CA GLN A 324 36.50 -12.20 26.78
C GLN A 324 37.14 -10.86 26.38
N LYS A 325 37.56 -10.12 27.42
CA LYS A 325 38.20 -8.81 27.27
C LYS A 325 39.52 -8.76 28.08
N LYS A 326 40.49 -9.46 27.69
N TYR B 6 11.34 23.13 -31.32
CA TYR B 6 11.70 22.83 -29.91
C TYR B 6 12.44 23.99 -29.24
N LEU B 7 12.29 25.18 -29.81
CA LEU B 7 12.91 26.36 -29.26
C LEU B 7 11.76 27.32 -28.96
N LEU B 8 11.19 27.17 -27.78
CA LEU B 8 10.06 27.99 -27.35
C LEU B 8 10.27 29.47 -27.61
N SER B 9 9.32 30.09 -28.30
CA SER B 9 9.41 31.51 -28.57
C SER B 9 9.06 32.20 -27.26
N PRO B 10 9.58 33.43 -27.05
CA PRO B 10 9.27 34.13 -25.79
C PRO B 10 7.78 34.34 -25.51
N GLU B 11 6.96 34.27 -26.56
CA GLU B 11 5.50 34.44 -26.40
C GLU B 11 4.97 33.20 -25.71
N THR B 12 5.44 32.04 -26.15
CA THR B 12 5.03 30.76 -25.60
C THR B 12 5.47 30.61 -24.15
N ILE B 13 6.66 31.12 -23.85
CA ILE B 13 7.20 31.06 -22.50
C ILE B 13 6.35 31.85 -21.53
N GLU B 14 5.68 32.87 -22.05
CA GLU B 14 4.83 33.74 -21.24
C GLU B 14 3.43 33.15 -21.00
N ALA B 15 2.90 32.46 -22.00
CA ALA B 15 1.57 31.85 -21.91
C ALA B 15 1.63 30.53 -21.13
N LEU B 16 2.82 29.96 -21.06
CA LEU B 16 3.04 28.69 -20.37
C LEU B 16 2.82 28.82 -18.86
N ARG B 17 2.75 30.06 -18.37
CA ARG B 17 2.56 30.32 -16.95
C ARG B 17 1.09 30.52 -16.58
N LYS B 18 0.20 30.41 -17.56
CA LYS B 18 -1.22 30.62 -17.29
C LYS B 18 -2.07 29.41 -17.62
N PRO B 19 -3.16 29.20 -16.88
CA PRO B 19 -4.08 28.07 -17.07
C PRO B 19 -4.83 28.14 -18.39
N THR B 20 -4.67 29.26 -19.09
CA THR B 20 -5.32 29.46 -20.38
C THR B 20 -4.53 28.83 -21.52
N PHE B 21 -3.31 28.39 -21.23
CA PHE B 21 -2.43 27.77 -22.22
C PHE B 21 -3.16 26.69 -23.02
N ASP B 22 -2.95 26.65 -24.33
CA ASP B 22 -3.62 25.67 -25.17
C ASP B 22 -2.71 24.46 -25.35
N VAL B 23 -3.01 23.41 -24.58
CA VAL B 23 -2.23 22.18 -24.59
C VAL B 23 -2.35 21.32 -25.85
N TRP B 24 -3.34 21.62 -26.69
CA TRP B 24 -3.57 20.86 -27.92
C TRP B 24 -2.72 21.25 -29.13
N LEU B 25 -2.19 22.46 -29.12
CA LEU B 25 -1.39 22.96 -30.24
C LEU B 25 -0.04 22.27 -30.44
N TRP B 26 0.52 21.71 -29.38
CA TRP B 26 1.85 21.11 -29.47
C TRP B 26 1.99 19.62 -29.65
N GLU B 27 3.19 19.21 -30.02
CA GLU B 27 3.51 17.82 -30.22
C GLU B 27 4.48 17.41 -29.14
N PRO B 28 4.55 16.11 -28.85
CA PRO B 28 5.44 15.58 -27.80
C PRO B 28 6.75 16.35 -27.65
N ASN B 29 7.49 16.45 -28.75
CA ASN B 29 8.77 17.14 -28.76
C ASN B 29 8.64 18.55 -28.18
N GLU B 30 7.62 19.28 -28.63
CA GLU B 30 7.41 20.64 -28.16
C GLU B 30 7.10 20.71 -26.66
N MET B 31 6.20 19.82 -26.21
CA MET B 31 5.80 19.76 -24.82
C MET B 31 7.00 19.36 -23.97
N LEU B 32 7.82 18.48 -24.52
CA LEU B 32 9.00 18.04 -23.80
C LEU B 32 9.90 19.24 -23.49
N SER B 33 9.98 20.20 -24.42
CA SER B 33 10.79 21.39 -24.22
C SER B 33 10.16 22.32 -23.19
N CYS B 34 8.84 22.45 -23.23
CA CYS B 34 8.12 23.27 -22.26
C CYS B 34 8.40 22.74 -20.85
N LEU B 35 8.37 21.42 -20.70
CA LEU B 35 8.62 20.82 -19.40
C LEU B 35 10.04 21.11 -18.96
N GLU B 36 10.97 21.00 -19.91
CA GLU B 36 12.38 21.26 -19.63
C GLU B 36 12.52 22.70 -19.19
N HIS B 37 11.82 23.59 -19.87
CA HIS B 37 11.86 25.01 -19.53
C HIS B 37 11.46 25.19 -18.07
N MET B 38 10.31 24.63 -17.70
CA MET B 38 9.81 24.72 -16.34
C MET B 38 10.86 24.40 -15.29
N TYR B 39 11.59 23.31 -15.47
CA TYR B 39 12.62 22.94 -14.47
C TYR B 39 13.74 23.97 -14.34
N HIS B 40 14.11 24.63 -15.44
CA HIS B 40 15.15 25.65 -15.41
C HIS B 40 14.58 26.92 -14.80
N ASP B 41 13.43 27.33 -15.33
CA ASP B 41 12.71 28.51 -14.91
C ASP B 41 12.38 28.53 -13.39
N LEU B 42 12.02 27.38 -12.84
CA LEU B 42 11.71 27.30 -11.41
C LEU B 42 13.00 27.19 -10.59
N GLY B 43 14.12 27.15 -11.30
CA GLY B 43 15.42 27.08 -10.64
C GLY B 43 15.68 25.75 -9.96
N LEU B 44 15.01 24.70 -10.43
CA LEU B 44 15.21 23.38 -9.86
C LEU B 44 16.54 22.83 -10.38
N VAL B 45 16.80 23.04 -11.67
CA VAL B 45 18.05 22.60 -12.27
C VAL B 45 19.18 23.21 -11.45
N ARG B 46 19.01 24.49 -11.12
CA ARG B 46 20.00 25.20 -10.34
C ARG B 46 20.19 24.66 -8.92
N ASP B 47 19.12 24.70 -8.13
CA ASP B 47 19.22 24.26 -6.74
C ASP B 47 19.40 22.79 -6.42
N PHE B 48 19.26 21.91 -7.42
CA PHE B 48 19.44 20.50 -7.15
C PHE B 48 20.58 19.90 -7.98
N SER B 49 21.27 20.79 -8.69
CA SER B 49 22.40 20.41 -9.52
C SER B 49 22.00 19.36 -10.53
N ILE B 50 20.82 19.52 -11.10
CA ILE B 50 20.33 18.57 -12.10
C ILE B 50 21.18 18.74 -13.35
N ASN B 51 21.74 17.64 -13.86
CA ASN B 51 22.53 17.71 -15.07
C ASN B 51 21.54 18.01 -16.20
N PRO B 52 21.63 19.21 -16.79
CA PRO B 52 20.74 19.63 -17.88
C PRO B 52 20.52 18.62 -18.99
N VAL B 53 21.47 17.71 -19.18
CA VAL B 53 21.34 16.70 -20.23
C VAL B 53 20.52 15.52 -19.70
N THR B 54 20.78 15.16 -18.45
CA THR B 54 20.06 14.07 -17.81
C THR B 54 18.57 14.45 -17.85
N LEU B 55 18.27 15.70 -17.52
CA LEU B 55 16.89 16.21 -17.52
C LEU B 55 16.20 15.94 -18.86
N ARG B 56 16.93 16.11 -19.97
CA ARG B 56 16.37 15.84 -21.28
C ARG B 56 16.07 14.36 -21.45
N ARG B 57 17.05 13.50 -21.17
CA ARG B 57 16.85 12.06 -21.31
C ARG B 57 15.68 11.60 -20.45
N TRP B 58 15.70 12.02 -19.19
CA TRP B 58 14.65 11.67 -18.24
C TRP B 58 13.26 12.00 -18.78
N LEU B 59 13.12 13.17 -19.40
CA LEU B 59 11.82 13.54 -19.95
C LEU B 59 11.42 12.63 -21.11
N PHE B 60 12.38 12.13 -21.89
CA PHE B 60 12.04 11.23 -22.99
C PHE B 60 11.78 9.86 -22.36
N CYS B 61 12.51 9.62 -21.29
CA CYS B 61 12.41 8.39 -20.51
C CYS B 61 10.96 8.30 -20.00
N VAL B 62 10.48 9.42 -19.47
CA VAL B 62 9.13 9.54 -18.93
C VAL B 62 8.09 9.47 -20.04
N HIS B 63 8.40 10.07 -21.18
CA HIS B 63 7.49 10.08 -22.30
C HIS B 63 7.27 8.71 -22.91
N ASP B 64 8.34 7.94 -23.02
CA ASP B 64 8.27 6.62 -23.60
C ASP B 64 7.40 5.68 -22.76
N ASN B 65 7.38 5.92 -21.46
CA ASN B 65 6.61 5.10 -20.54
C ASN B 65 5.14 5.45 -20.35
N TYR B 66 4.60 6.31 -21.21
CA TYR B 66 3.18 6.65 -21.17
C TYR B 66 2.59 5.93 -22.36
N ARG B 67 1.40 5.36 -22.20
CA ARG B 67 0.78 4.63 -23.29
C ARG B 67 -0.13 5.51 -24.12
N ASN B 68 -0.48 5.04 -25.31
CA ASN B 68 -1.35 5.80 -26.20
C ASN B 68 -2.83 5.58 -25.93
N ASN B 69 -3.27 6.02 -24.76
CA ASN B 69 -4.67 5.90 -24.35
C ASN B 69 -5.38 7.18 -24.80
N PRO B 70 -6.68 7.12 -25.02
CA PRO B 70 -7.36 8.36 -25.42
C PRO B 70 -7.22 9.50 -24.39
N PHE B 71 -7.19 9.17 -23.10
CA PHE B 71 -7.08 10.20 -22.08
C PHE B 71 -5.79 10.14 -21.24
N HIS B 72 -5.55 9.02 -20.58
CA HIS B 72 -4.35 8.86 -19.76
C HIS B 72 -3.09 8.63 -20.59
N ASN B 73 -2.66 9.71 -21.26
CA ASN B 73 -1.49 9.70 -22.13
C ASN B 73 -0.50 10.80 -21.76
N PHE B 74 0.56 10.93 -22.55
CA PHE B 74 1.56 11.93 -22.26
C PHE B 74 1.02 13.35 -22.25
N ARG B 75 0.01 13.64 -23.07
CA ARG B 75 -0.54 14.99 -23.08
C ARG B 75 -1.25 15.30 -21.75
N HIS B 76 -1.92 14.31 -21.17
CA HIS B 76 -2.61 14.51 -19.90
C HIS B 76 -1.56 14.87 -18.86
N CYS B 77 -0.45 14.14 -18.91
CA CYS B 77 0.67 14.34 -18.01
C CYS B 77 1.20 15.77 -18.18
N PHE B 78 1.29 16.22 -19.42
CA PHE B 78 1.77 17.57 -19.69
C PHE B 78 0.80 18.62 -19.10
N CYS B 79 -0.51 18.37 -19.23
CA CYS B 79 -1.52 19.28 -18.69
C CYS B 79 -1.37 19.48 -17.21
N VAL B 80 -1.22 18.36 -16.51
CA VAL B 80 -1.11 18.38 -15.07
C VAL B 80 0.14 19.12 -14.62
N ALA B 81 1.26 18.87 -15.30
CA ALA B 81 2.51 19.54 -14.95
C ALA B 81 2.41 21.03 -15.29
N GLN B 82 1.76 21.35 -16.40
CA GLN B 82 1.62 22.74 -16.81
C GLN B 82 0.69 23.52 -15.90
N MET B 83 -0.40 22.88 -15.47
CA MET B 83 -1.34 23.53 -14.56
C MET B 83 -0.65 23.76 -13.21
N MET B 84 0.17 22.78 -12.80
CA MET B 84 0.92 22.87 -11.56
C MET B 84 1.87 24.08 -11.68
N TYR B 85 2.56 24.14 -12.83
CA TYR B 85 3.47 25.24 -13.12
C TYR B 85 2.71 26.57 -13.02
N SER B 86 1.53 26.63 -13.62
CA SER B 86 0.71 27.85 -13.57
C SER B 86 0.44 28.27 -12.14
N MET B 87 0.01 27.31 -11.32
CA MET B 87 -0.31 27.58 -9.93
C MET B 87 0.88 28.04 -9.11
N VAL B 88 2.08 27.60 -9.47
CA VAL B 88 3.27 28.03 -8.74
C VAL B 88 3.44 29.55 -8.91
N TRP B 89 3.09 30.07 -10.09
CA TRP B 89 3.19 31.50 -10.35
C TRP B 89 1.98 32.26 -9.79
N LEU B 90 0.79 31.80 -10.18
CA LEU B 90 -0.45 32.42 -9.73
C LEU B 90 -0.52 32.61 -8.22
N CYS B 91 -0.21 31.54 -7.48
CA CYS B 91 -0.26 31.58 -6.03
C CYS B 91 1.08 31.89 -5.36
N SER B 92 2.07 32.25 -6.16
CA SER B 92 3.41 32.58 -5.64
C SER B 92 3.85 31.53 -4.64
N LEU B 93 3.77 30.26 -5.04
CA LEU B 93 4.14 29.16 -4.18
C LEU B 93 5.59 29.12 -3.72
N GLN B 94 6.48 29.83 -4.42
CA GLN B 94 7.88 29.82 -4.02
C GLN B 94 8.10 30.67 -2.75
N GLU B 95 7.07 31.41 -2.37
CA GLU B 95 7.14 32.22 -1.16
C GLU B 95 6.63 31.40 0.03
N LYS B 96 6.01 30.26 -0.27
CA LYS B 96 5.44 29.39 0.76
C LYS B 96 6.14 28.04 0.85
N PHE B 97 6.54 27.51 -0.30
CA PHE B 97 7.18 26.21 -0.35
C PHE B 97 8.69 26.28 -0.60
N SER B 98 9.40 25.25 -0.13
CA SER B 98 10.83 25.17 -0.32
C SER B 98 11.05 24.67 -1.73
N GLN B 99 12.27 24.77 -2.22
CA GLN B 99 12.58 24.30 -3.57
C GLN B 99 12.36 22.79 -3.63
N THR B 100 12.53 22.12 -2.49
CA THR B 100 12.34 20.68 -2.41
C THR B 100 10.88 20.32 -2.71
N ASP B 101 9.95 21.03 -2.07
CA ASP B 101 8.53 20.81 -2.28
C ASP B 101 8.11 21.13 -3.70
N ILE B 102 8.69 22.18 -4.27
CA ILE B 102 8.36 22.56 -5.64
C ILE B 102 8.79 21.42 -6.56
N LEU B 103 9.96 20.85 -6.28
CA LEU B 103 10.49 19.74 -7.07
C LEU B 103 9.55 18.54 -6.95
N ILE B 104 9.11 18.27 -5.73
CA ILE B 104 8.20 17.16 -5.46
C ILE B 104 6.89 17.38 -6.25
N LEU B 105 6.34 18.58 -6.19
CA LEU B 105 5.12 18.88 -6.89
C LEU B 105 5.21 18.68 -8.39
N MET B 106 6.27 19.19 -9.03
CA MET B 106 6.43 19.07 -10.48
C MET B 106 6.77 17.67 -10.97
N THR B 107 7.64 16.99 -10.23
CA THR B 107 8.02 15.65 -10.60
C THR B 107 6.85 14.70 -10.39
N ALA B 108 6.13 14.88 -9.28
CA ALA B 108 4.97 14.03 -9.01
C ALA B 108 3.96 14.21 -10.15
N ALA B 109 3.70 15.47 -10.51
CA ALA B 109 2.75 15.76 -11.56
C ALA B 109 3.09 15.10 -12.88
N ILE B 110 4.35 15.17 -13.29
CA ILE B 110 4.79 14.57 -14.54
C ILE B 110 4.69 13.05 -14.54
N CYS B 111 5.00 12.43 -13.40
CA CYS B 111 4.98 10.97 -13.32
C CYS B 111 3.70 10.32 -12.80
N HIS B 112 2.73 11.10 -12.33
CA HIS B 112 1.54 10.53 -11.72
C HIS B 112 0.73 9.45 -12.47
N ASP B 113 0.74 9.43 -13.80
CA ASP B 113 -0.01 8.42 -14.54
C ASP B 113 0.84 7.50 -15.43
N LEU B 114 2.12 7.37 -15.08
CA LEU B 114 3.05 6.54 -15.83
C LEU B 114 2.53 5.13 -16.11
N ASP B 115 2.62 4.73 -17.37
CA ASP B 115 2.19 3.40 -17.80
C ASP B 115 0.74 3.04 -17.44
N HIS B 116 -0.13 4.03 -17.52
CA HIS B 116 -1.54 3.77 -17.24
C HIS B 116 -2.06 2.86 -18.34
N PRO B 117 -2.76 1.77 -17.98
CA PRO B 117 -3.31 0.82 -18.95
C PRO B 117 -4.60 1.22 -19.67
N GLY B 118 -5.30 2.25 -19.17
CA GLY B 118 -6.53 2.67 -19.82
C GLY B 118 -7.79 2.10 -19.18
N TYR B 119 -7.61 1.33 -18.10
CA TYR B 119 -8.69 0.73 -17.35
C TYR B 119 -8.47 1.08 -15.89
N ASN B 120 -9.46 1.70 -15.25
CA ASN B 120 -9.32 2.13 -13.86
C ASN B 120 -9.19 1.02 -12.81
N ASN B 121 -8.95 1.44 -11.56
CA ASN B 121 -8.79 0.50 -10.46
C ASN B 121 -9.96 -0.46 -10.31
N THR B 122 -11.18 0.01 -10.50
CA THR B 122 -12.32 -0.88 -10.36
C THR B 122 -12.20 -2.07 -11.33
N TYR B 123 -11.83 -1.80 -12.58
CA TYR B 123 -11.67 -2.90 -13.52
C TYR B 123 -10.55 -3.84 -13.08
N GLN B 124 -9.43 -3.28 -12.63
CA GLN B 124 -8.29 -4.09 -12.19
C GLN B 124 -8.73 -5.02 -11.06
N ILE B 125 -9.37 -4.43 -10.06
CA ILE B 125 -9.82 -5.19 -8.92
C ILE B 125 -10.87 -6.23 -9.32
N ASN B 126 -11.93 -5.80 -10.01
CA ASN B 126 -13.00 -6.72 -10.44
C ASN B 126 -12.53 -7.83 -11.38
N ALA B 127 -11.59 -7.53 -12.26
CA ALA B 127 -11.09 -8.53 -13.19
C ALA B 127 -9.89 -9.30 -12.60
N ARG B 128 -9.50 -8.95 -11.38
CA ARG B 128 -8.38 -9.59 -10.71
C ARG B 128 -7.11 -9.65 -11.57
N THR B 129 -6.70 -8.50 -12.08
CA THR B 129 -5.51 -8.39 -12.93
C THR B 129 -4.23 -8.59 -12.13
N GLU B 130 -3.09 -8.57 -12.82
CA GLU B 130 -1.80 -8.72 -12.15
C GLU B 130 -1.55 -7.55 -11.23
N LEU B 131 -1.92 -6.35 -11.67
CA LEU B 131 -1.74 -5.15 -10.84
C LEU B 131 -2.51 -5.30 -9.54
N ALA B 132 -3.79 -5.67 -9.66
CA ALA B 132 -4.66 -5.84 -8.49
C ALA B 132 -4.10 -6.90 -7.54
N VAL B 133 -3.65 -8.02 -8.08
CA VAL B 133 -3.09 -9.07 -7.24
C VAL B 133 -1.77 -8.57 -6.65
N ARG B 134 -0.95 -7.93 -7.50
CA ARG B 134 0.34 -7.42 -7.05
C ARG B 134 0.21 -6.40 -5.93
N TYR B 135 -0.79 -5.53 -6.01
CA TYR B 135 -0.95 -4.52 -4.98
C TYR B 135 -2.07 -4.78 -3.99
N ASN B 136 -2.53 -6.03 -3.93
CA ASN B 136 -3.58 -6.42 -3.01
C ASN B 136 -4.79 -5.46 -2.97
N ASP B 137 -5.27 -5.07 -4.15
CA ASP B 137 -6.42 -4.16 -4.31
C ASP B 137 -6.25 -2.77 -3.71
N ILE B 138 -5.06 -2.47 -3.20
CA ILE B 138 -4.80 -1.14 -2.62
C ILE B 138 -4.26 -0.22 -3.71
N SER B 139 -5.10 0.71 -4.18
CA SER B 139 -4.77 1.64 -5.25
C SER B 139 -3.73 1.04 -6.20
N PRO B 140 -4.08 -0.06 -6.86
CA PRO B 140 -3.12 -0.69 -7.77
C PRO B 140 -2.52 0.22 -8.84
N LEU B 141 -3.34 1.01 -9.53
CA LEU B 141 -2.78 1.90 -10.56
C LEU B 141 -1.79 2.93 -10.01
N GLU B 142 -2.24 3.77 -9.07
CA GLU B 142 -1.37 4.78 -8.49
C GLU B 142 -0.07 4.17 -7.96
N ASN B 143 -0.16 3.02 -7.29
CA ASN B 143 1.03 2.35 -6.79
C ASN B 143 1.97 2.01 -7.96
N HIS B 144 1.40 1.50 -9.06
CA HIS B 144 2.18 1.15 -10.22
C HIS B 144 2.85 2.39 -10.83
N HIS B 145 2.08 3.46 -11.04
CA HIS B 145 2.62 4.68 -11.62
C HIS B 145 3.88 5.10 -10.88
N CYS B 146 3.73 5.18 -9.57
CA CYS B 146 4.80 5.59 -8.67
C CYS B 146 6.00 4.65 -8.76
N ALA B 147 5.73 3.35 -8.89
CA ALA B 147 6.79 2.37 -8.98
C ALA B 147 7.54 2.54 -10.31
N VAL B 148 6.81 2.78 -11.39
CA VAL B 148 7.43 2.98 -12.69
C VAL B 148 8.29 4.24 -12.65
N ALA B 149 7.82 5.25 -11.93
CA ALA B 149 8.55 6.51 -11.82
C ALA B 149 9.92 6.32 -11.19
N PHE B 150 9.99 5.54 -10.12
CA PHE B 150 11.27 5.35 -9.47
C PHE B 150 12.16 4.33 -10.16
N GLN B 151 11.54 3.47 -10.99
CA GLN B 151 12.29 2.50 -11.75
C GLN B 151 13.08 3.29 -12.80
N ILE B 152 12.44 4.33 -13.32
CA ILE B 152 13.05 5.21 -14.31
C ILE B 152 14.19 5.97 -13.64
N LEU B 153 13.94 6.54 -12.47
CA LEU B 153 14.98 7.29 -11.75
C LEU B 153 16.06 6.35 -11.22
N ALA B 154 15.89 5.05 -11.45
CA ALA B 154 16.87 4.07 -10.99
C ALA B 154 17.85 3.78 -12.11
N GLU B 155 17.54 4.27 -13.31
CA GLU B 155 18.45 4.12 -14.44
C GLU B 155 19.36 5.34 -14.36
N PRO B 156 20.66 5.12 -14.11
CA PRO B 156 21.57 6.27 -14.01
C PRO B 156 21.42 7.30 -15.13
N GLU B 157 21.18 6.84 -16.35
CA GLU B 157 21.03 7.75 -17.47
C GLU B 157 19.81 8.68 -17.35
N CYS B 158 18.78 8.24 -16.65
CA CYS B 158 17.56 9.03 -16.49
C CYS B 158 17.40 9.61 -15.11
N ASN B 159 18.39 9.39 -14.26
CA ASN B 159 18.30 9.88 -12.90
C ASN B 159 18.60 11.36 -12.71
N ILE B 160 17.60 12.21 -12.93
CA ILE B 160 17.78 13.63 -12.75
C ILE B 160 18.07 13.99 -11.31
N PHE B 161 18.04 13.00 -10.41
CA PHE B 161 18.30 13.28 -9.00
C PHE B 161 19.71 12.87 -8.55
N SER B 162 20.50 12.34 -9.49
CA SER B 162 21.87 11.89 -9.22
C SER B 162 22.74 12.74 -8.30
N ASN B 163 22.62 14.06 -8.36
CA ASN B 163 23.45 14.92 -7.53
C ASN B 163 22.78 15.44 -6.26
N ILE B 164 21.92 14.62 -5.69
CA ILE B 164 21.23 15.02 -4.47
C ILE B 164 21.71 14.10 -3.34
N PRO B 165 22.09 14.66 -2.20
CA PRO B 165 22.55 13.79 -1.11
C PRO B 165 21.45 12.78 -0.75
N PRO B 166 21.83 11.62 -0.21
CA PRO B 166 20.83 10.60 0.15
C PRO B 166 19.70 11.09 1.04
N ASP B 167 19.99 11.99 1.98
CA ASP B 167 18.94 12.51 2.85
C ASP B 167 17.87 13.23 2.05
N GLY B 168 18.29 13.95 1.01
CA GLY B 168 17.36 14.68 0.19
C GLY B 168 16.50 13.76 -0.66
N PHE B 169 17.12 12.74 -1.23
CA PHE B 169 16.41 11.78 -2.06
C PHE B 169 15.26 11.12 -1.29
N LYS B 170 15.51 10.74 -0.04
CA LYS B 170 14.50 10.11 0.78
C LYS B 170 13.31 11.03 0.98
N GLN B 171 13.59 12.32 1.22
CA GLN B 171 12.53 13.28 1.42
C GLN B 171 11.76 13.53 0.11
N ILE B 172 12.47 13.53 -1.02
CA ILE B 172 11.83 13.74 -2.32
C ILE B 172 10.99 12.52 -2.68
N ARG B 173 11.57 11.33 -2.50
CA ARG B 173 10.87 10.08 -2.81
C ARG B 173 9.60 9.95 -1.98
N GLN B 174 9.72 10.10 -0.67
CA GLN B 174 8.58 10.01 0.22
C GLN B 174 7.48 10.97 -0.24
N GLY B 175 7.88 12.20 -0.57
CA GLY B 175 6.94 13.21 -1.02
C GLY B 175 6.21 12.86 -2.31
N MET B 176 6.96 12.38 -3.31
CA MET B 176 6.36 12.01 -4.58
C MET B 176 5.37 10.86 -4.42
N ILE B 177 5.73 9.88 -3.59
CA ILE B 177 4.88 8.73 -3.36
C ILE B 177 3.56 9.20 -2.74
N THR B 178 3.65 10.01 -1.71
CA THR B 178 2.45 10.53 -1.06
C THR B 178 1.53 11.21 -2.08
N LEU B 179 2.09 12.11 -2.89
CA LEU B 179 1.30 12.84 -3.87
C LEU B 179 0.71 11.99 -5.00
N ILE B 180 1.49 11.04 -5.52
CA ILE B 180 0.97 10.20 -6.59
C ILE B 180 -0.13 9.28 -6.07
N LEU B 181 0.08 8.70 -4.89
CA LEU B 181 -0.94 7.84 -4.32
C LEU B 181 -2.19 8.64 -3.98
N ALA B 182 -2.03 9.92 -3.72
CA ALA B 182 -3.16 10.78 -3.36
C ALA B 182 -4.09 11.11 -4.53
N THR B 183 -3.70 10.78 -5.76
CA THR B 183 -4.55 11.07 -6.91
C THR B 183 -5.64 10.03 -7.15
N ASP B 184 -5.66 8.97 -6.35
CA ASP B 184 -6.69 7.94 -6.49
C ASP B 184 -8.00 8.59 -6.02
N MET B 185 -8.95 8.81 -6.94
CA MET B 185 -10.20 9.47 -6.56
C MET B 185 -10.97 8.75 -5.45
N ALA B 186 -10.69 7.47 -5.27
CA ALA B 186 -11.33 6.70 -4.22
C ALA B 186 -11.01 7.31 -2.85
N ARG B 187 -10.02 8.19 -2.79
CA ARG B 187 -9.64 8.81 -1.52
C ARG B 187 -10.04 10.28 -1.45
N HIS B 188 -10.72 10.76 -2.49
CA HIS B 188 -11.11 12.16 -2.55
C HIS B 188 -11.80 12.73 -1.31
N ALA B 189 -12.86 12.08 -0.86
CA ALA B 189 -13.60 12.55 0.31
C ALA B 189 -12.69 12.62 1.53
N GLU B 190 -11.96 11.53 1.77
CA GLU B 190 -11.03 11.43 2.89
C GLU B 190 -10.02 12.58 2.90
N ILE B 191 -9.32 12.77 1.80
CA ILE B 191 -8.32 13.83 1.69
C ILE B 191 -8.94 15.20 1.87
N MET B 192 -10.04 15.47 1.17
CA MET B 192 -10.73 16.74 1.29
C MET B 192 -11.09 17.06 2.74
N ASP B 193 -11.56 16.05 3.49
CA ASP B 193 -11.90 16.28 4.89
C ASP B 193 -10.67 16.65 5.70
N SER B 194 -9.63 15.83 5.65
CA SER B 194 -8.42 16.13 6.40
C SER B 194 -8.01 17.56 6.12
N PHE B 195 -8.05 17.94 4.84
CA PHE B 195 -7.67 19.27 4.45
C PHE B 195 -8.60 20.36 4.98
N LYS B 196 -9.91 20.18 4.81
CA LYS B 196 -10.86 21.17 5.29
C LYS B 196 -10.71 21.37 6.80
N GLU B 197 -10.30 20.31 7.47
CA GLU B 197 -10.09 20.34 8.92
C GLU B 197 -8.91 21.26 9.22
N LYS B 198 -7.74 20.89 8.71
CA LYS B 198 -6.53 21.68 8.92
C LYS B 198 -6.78 23.14 8.57
N MET B 199 -7.60 23.36 7.54
CA MET B 199 -7.91 24.69 7.06
C MET B 199 -8.54 25.61 8.10
N GLU B 200 -9.28 25.02 9.05
CA GLU B 200 -9.92 25.81 10.10
C GLU B 200 -8.90 26.71 10.80
N ASN B 201 -7.63 26.29 10.76
CA ASN B 201 -6.55 27.06 11.37
C ASN B 201 -5.23 26.62 10.73
N PHE B 202 -5.14 26.82 9.41
CA PHE B 202 -3.96 26.44 8.64
C PHE B 202 -2.68 27.04 9.20
N ASP B 203 -1.58 26.33 9.03
CA ASP B 203 -0.28 26.77 9.53
C ASP B 203 0.83 26.28 8.60
N TYR B 204 1.35 27.17 7.75
CA TYR B 204 2.41 26.80 6.82
C TYR B 204 3.67 26.25 7.49
N SER B 205 3.67 26.18 8.82
CA SER B 205 4.84 25.67 9.54
C SER B 205 4.56 24.27 10.06
N ASN B 206 3.30 23.87 10.00
CA ASN B 206 2.89 22.55 10.43
C ASN B 206 3.08 21.63 9.22
N GLU B 207 3.96 20.65 9.35
CA GLU B 207 4.28 19.75 8.25
C GLU B 207 3.11 18.94 7.69
N GLU B 208 2.12 18.64 8.52
CA GLU B 208 0.97 17.88 8.07
C GLU B 208 0.06 18.76 7.24
N HIS B 209 -0.04 20.03 7.59
CA HIS B 209 -0.86 20.94 6.84
C HIS B 209 -0.30 21.03 5.42
N MET B 210 1.00 21.26 5.33
CA MET B 210 1.70 21.37 4.07
C MET B 210 1.58 20.14 3.19
N THR B 211 1.62 18.97 3.80
CA THR B 211 1.50 17.71 3.06
C THR B 211 0.10 17.63 2.45
N LEU B 212 -0.91 17.91 3.26
CA LEU B 212 -2.28 17.89 2.78
C LEU B 212 -2.44 18.92 1.68
N LEU B 213 -1.84 20.09 1.88
CA LEU B 213 -1.91 21.14 0.89
C LEU B 213 -1.30 20.67 -0.44
N LYS B 214 -0.14 20.03 -0.39
CA LYS B 214 0.50 19.56 -1.61
C LYS B 214 -0.36 18.45 -2.22
N MET B 215 -1.00 17.66 -1.37
CA MET B 215 -1.87 16.61 -1.84
C MET B 215 -3.07 17.25 -2.60
N ILE B 216 -3.61 18.31 -2.05
CA ILE B 216 -4.73 19.01 -2.67
C ILE B 216 -4.29 19.63 -4.00
N LEU B 217 -3.11 20.26 -3.99
CA LEU B 217 -2.59 20.88 -5.19
C LEU B 217 -2.40 19.93 -6.37
N ILE B 218 -1.83 18.75 -6.13
CA ILE B 218 -1.66 17.85 -7.25
C ILE B 218 -3.04 17.31 -7.67
N LYS B 219 -3.95 17.18 -6.71
CA LYS B 219 -5.31 16.71 -7.02
C LYS B 219 -6.04 17.73 -7.91
N CYS B 220 -5.87 19.01 -7.61
CA CYS B 220 -6.50 20.04 -8.43
C CYS B 220 -5.98 19.96 -9.86
N CYS B 221 -4.65 19.93 -10.02
CA CYS B 221 -4.06 19.88 -11.35
C CYS B 221 -4.47 18.65 -12.15
N ASP B 222 -4.54 17.51 -11.48
CA ASP B 222 -4.91 16.27 -12.15
C ASP B 222 -6.29 16.32 -12.82
N ILE B 223 -7.29 16.93 -12.17
CA ILE B 223 -8.64 17.00 -12.71
C ILE B 223 -9.08 18.43 -13.08
N SER B 224 -8.10 19.30 -13.32
CA SER B 224 -8.38 20.70 -13.65
C SER B 224 -8.77 21.00 -15.11
N ASN B 225 -9.05 19.98 -15.92
CA ASN B 225 -9.39 20.26 -17.31
C ASN B 225 -10.43 21.35 -17.53
N GLU B 226 -11.53 21.31 -16.78
CA GLU B 226 -12.58 22.32 -16.92
C GLU B 226 -12.20 23.73 -16.47
N VAL B 227 -10.96 23.92 -16.03
CA VAL B 227 -10.49 25.25 -15.60
C VAL B 227 -9.96 26.00 -16.82
N ARG B 228 -9.61 25.23 -17.85
CA ARG B 228 -9.08 25.78 -19.09
C ARG B 228 -10.24 26.27 -19.97
N PRO B 229 -9.95 27.08 -21.01
CA PRO B 229 -10.95 27.63 -21.95
C PRO B 229 -11.80 26.52 -22.55
N MET B 230 -13.09 26.78 -22.72
CA MET B 230 -14.01 25.78 -23.26
C MET B 230 -13.51 25.03 -24.48
N GLU B 231 -12.75 25.69 -25.35
CA GLU B 231 -12.22 25.04 -26.55
C GLU B 231 -11.19 23.99 -26.18
N VAL B 232 -10.43 24.29 -25.14
CA VAL B 232 -9.38 23.40 -24.67
C VAL B 232 -9.92 22.30 -23.77
N ALA B 233 -10.85 22.65 -22.90
CA ALA B 233 -11.42 21.71 -21.95
C ALA B 233 -12.35 20.64 -22.52
N GLU B 234 -13.27 21.04 -23.39
CA GLU B 234 -14.23 20.10 -23.96
C GLU B 234 -13.71 18.81 -24.57
N PRO B 235 -12.73 18.89 -25.48
CA PRO B 235 -12.23 17.66 -26.09
C PRO B 235 -11.68 16.60 -25.11
N TRP B 236 -11.26 17.03 -23.92
CA TRP B 236 -10.74 16.09 -22.92
C TRP B 236 -11.85 15.18 -22.40
N VAL B 237 -13.06 15.72 -22.32
CA VAL B 237 -14.19 14.94 -21.84
C VAL B 237 -14.45 13.79 -22.79
N ASP B 238 -14.32 14.04 -24.10
CA ASP B 238 -14.55 13.00 -25.09
C ASP B 238 -13.44 11.97 -25.05
N CYS B 239 -12.22 12.41 -24.72
CA CYS B 239 -11.10 11.49 -24.64
C CYS B 239 -11.33 10.57 -23.46
N LEU B 240 -11.80 11.13 -22.35
CA LEU B 240 -12.05 10.33 -21.16
C LEU B 240 -13.20 9.34 -21.39
N LEU B 241 -14.30 9.82 -21.95
CA LEU B 241 -15.44 8.94 -22.23
C LEU B 241 -15.02 7.87 -23.21
N GLU B 242 -14.18 8.24 -24.17
CA GLU B 242 -13.71 7.28 -25.16
C GLU B 242 -13.00 6.12 -24.47
N GLU B 243 -12.18 6.45 -23.47
CA GLU B 243 -11.43 5.46 -22.73
C GLU B 243 -12.38 4.66 -21.84
N TYR B 244 -13.33 5.35 -21.21
CA TYR B 244 -14.31 4.71 -20.34
C TYR B 244 -15.18 3.70 -21.08
N PHE B 245 -15.63 4.06 -22.28
CA PHE B 245 -16.47 3.16 -23.06
C PHE B 245 -15.69 1.90 -23.43
N MET B 246 -14.40 2.07 -23.66
CA MET B 246 -13.56 0.94 -24.00
C MET B 246 -13.60 -0.05 -22.83
N GLN B 247 -13.63 0.50 -21.62
CA GLN B 247 -13.68 -0.30 -20.40
C GLN B 247 -15.04 -0.97 -20.24
N SER B 248 -16.10 -0.18 -20.31
CA SER B 248 -17.45 -0.73 -20.16
C SER B 248 -17.77 -1.81 -21.20
N ASP B 249 -17.36 -1.60 -22.45
CA ASP B 249 -17.60 -2.62 -23.47
C ASP B 249 -16.91 -3.91 -23.05
N ARG B 250 -15.62 -3.79 -22.73
CA ARG B 250 -14.85 -4.94 -22.31
C ARG B 250 -15.46 -5.61 -21.08
N GLU B 251 -15.94 -4.81 -20.14
CA GLU B 251 -16.53 -5.36 -18.92
C GLU B 251 -17.81 -6.10 -19.28
N LYS B 252 -18.63 -5.50 -20.14
CA LYS B 252 -19.88 -6.13 -20.55
C LYS B 252 -19.53 -7.44 -21.23
N SER B 253 -18.53 -7.39 -22.09
CA SER B 253 -18.08 -8.58 -22.81
C SER B 253 -17.61 -9.68 -21.86
N GLU B 254 -16.79 -9.31 -20.87
CA GLU B 254 -16.25 -10.28 -19.92
C GLU B 254 -17.20 -10.61 -18.78
N GLY B 255 -18.37 -9.97 -18.78
CA GLY B 255 -19.34 -10.23 -17.72
C GLY B 255 -19.04 -9.57 -16.38
N LEU B 256 -18.28 -8.48 -16.41
CA LEU B 256 -17.94 -7.77 -15.18
C LEU B 256 -18.88 -6.58 -15.03
N PRO B 257 -19.18 -6.19 -13.79
CA PRO B 257 -20.08 -5.05 -13.52
C PRO B 257 -19.63 -3.79 -14.24
N VAL B 258 -20.61 -2.98 -14.64
CA VAL B 258 -20.32 -1.74 -15.36
C VAL B 258 -20.79 -0.53 -14.57
N ALA B 259 -19.94 0.48 -14.43
CA ALA B 259 -20.32 1.67 -13.69
C ALA B 259 -21.25 2.50 -14.57
N PRO B 260 -22.30 3.08 -13.99
CA PRO B 260 -23.25 3.89 -14.75
C PRO B 260 -22.61 4.98 -15.60
N PHE B 261 -21.67 5.72 -15.02
CA PHE B 261 -21.02 6.81 -15.74
C PHE B 261 -20.16 6.37 -16.91
N MET B 262 -20.03 5.06 -17.10
CA MET B 262 -19.24 4.53 -18.22
C MET B 262 -20.12 3.83 -19.25
N ASP B 263 -21.42 3.79 -18.99
CA ASP B 263 -22.37 3.15 -19.90
C ASP B 263 -22.93 4.14 -20.92
N ARG B 264 -22.57 3.94 -22.20
CA ARG B 264 -23.02 4.80 -23.29
C ARG B 264 -24.50 5.19 -23.16
N ASP B 265 -25.31 4.21 -22.77
CA ASP B 265 -26.75 4.39 -22.64
C ASP B 265 -27.23 5.09 -21.38
N LYS B 266 -26.31 5.72 -20.65
CA LYS B 266 -26.70 6.42 -19.42
C LYS B 266 -25.97 7.73 -19.22
N VAL B 267 -24.68 7.77 -19.57
CA VAL B 267 -23.91 8.99 -19.38
C VAL B 267 -24.01 9.97 -20.55
N THR B 268 -24.27 11.23 -20.21
CA THR B 268 -24.36 12.29 -21.20
C THR B 268 -23.33 13.31 -20.73
N LYS B 269 -22.49 13.79 -21.65
CA LYS B 269 -21.47 14.76 -21.29
C LYS B 269 -21.98 15.85 -20.34
N ALA B 270 -23.12 16.43 -20.69
CA ALA B 270 -23.71 17.50 -19.89
C ALA B 270 -24.00 17.11 -18.44
N THR B 271 -24.90 16.15 -18.26
CA THR B 271 -25.27 15.72 -16.91
C THR B 271 -24.06 15.32 -16.08
N ALA B 272 -23.14 14.59 -16.69
CA ALA B 272 -21.93 14.15 -16.01
C ALA B 272 -21.12 15.34 -15.49
N GLN B 273 -20.71 16.22 -16.39
CA GLN B 273 -19.92 17.37 -16.00
C GLN B 273 -20.59 18.35 -15.05
N ILE B 274 -21.92 18.39 -15.06
CA ILE B 274 -22.60 19.30 -14.14
C ILE B 274 -22.30 18.88 -12.72
N GLY B 275 -22.56 17.62 -12.42
CA GLY B 275 -22.31 17.10 -11.07
C GLY B 275 -20.83 17.09 -10.71
N PHE B 276 -19.96 16.78 -11.66
CA PHE B 276 -18.53 16.74 -11.41
C PHE B 276 -18.03 18.12 -11.02
N ILE B 277 -18.46 19.10 -11.80
CA ILE B 277 -18.10 20.49 -11.57
C ILE B 277 -18.63 21.03 -10.25
N LYS B 278 -19.94 20.87 -10.06
CA LYS B 278 -20.63 21.36 -8.88
C LYS B 278 -20.25 20.72 -7.55
N PHE B 279 -20.07 19.41 -7.54
CA PHE B 279 -19.75 18.71 -6.30
C PHE B 279 -18.29 18.30 -6.07
N VAL B 280 -17.50 18.16 -7.13
CA VAL B 280 -16.10 17.79 -6.96
C VAL B 280 -15.17 18.98 -7.19
N LEU B 281 -15.15 19.50 -8.43
CA LEU B 281 -14.28 20.62 -8.78
C LEU B 281 -14.42 21.92 -8.00
N ILE B 282 -15.57 22.58 -8.13
CA ILE B 282 -15.81 23.86 -7.47
C ILE B 282 -15.54 23.84 -5.96
N PRO B 283 -16.09 22.85 -5.23
CA PRO B 283 -15.85 22.79 -3.79
C PRO B 283 -14.35 22.72 -3.45
N MET B 284 -13.62 21.88 -4.18
CA MET B 284 -12.18 21.71 -3.93
C MET B 284 -11.42 23.02 -4.15
N PHE B 285 -11.65 23.67 -5.28
CA PHE B 285 -10.96 24.93 -5.54
C PHE B 285 -11.41 26.03 -4.60
N GLU B 286 -12.60 25.90 -4.02
CA GLU B 286 -13.09 26.91 -3.09
C GLU B 286 -12.24 26.90 -1.83
N THR B 287 -11.93 25.70 -1.32
CA THR B 287 -11.12 25.55 -0.12
C THR B 287 -9.76 26.18 -0.32
N VAL B 288 -9.20 25.98 -1.52
CA VAL B 288 -7.88 26.52 -1.83
C VAL B 288 -7.88 28.04 -1.93
N THR B 289 -8.99 28.63 -2.40
CA THR B 289 -9.06 30.08 -2.53
C THR B 289 -9.02 30.81 -1.18
N LYS B 290 -9.22 30.06 -0.09
CA LYS B 290 -9.16 30.67 1.24
C LYS B 290 -7.71 30.98 1.59
N LEU B 291 -6.77 30.30 0.94
CA LEU B 291 -5.34 30.53 1.17
C LEU B 291 -4.76 31.34 0.03
N PHE B 292 -5.30 31.14 -1.17
CA PHE B 292 -4.84 31.86 -2.35
C PHE B 292 -6.02 32.52 -3.05
N PRO B 293 -6.46 33.69 -2.55
CA PRO B 293 -7.58 34.44 -3.11
C PRO B 293 -7.50 34.70 -4.61
N MET B 294 -6.28 34.87 -5.13
CA MET B 294 -6.11 35.12 -6.56
C MET B 294 -6.63 33.96 -7.42
N VAL B 295 -6.87 32.82 -6.78
CA VAL B 295 -7.37 31.63 -7.46
C VAL B 295 -8.82 31.76 -7.91
N GLU B 296 -9.64 32.43 -7.10
CA GLU B 296 -11.06 32.60 -7.42
C GLU B 296 -11.28 33.20 -8.79
N GLU B 297 -10.52 34.25 -9.07
CA GLU B 297 -10.64 34.96 -10.33
C GLU B 297 -10.09 34.18 -11.52
N ILE B 298 -8.97 33.50 -11.32
CA ILE B 298 -8.32 32.75 -12.38
C ILE B 298 -8.81 31.32 -12.62
N MET B 299 -9.22 30.63 -11.57
CA MET B 299 -9.66 29.24 -11.72
C MET B 299 -11.11 28.93 -11.38
N LEU B 300 -11.66 29.57 -10.35
CA LEU B 300 -13.06 29.34 -9.99
C LEU B 300 -13.96 29.93 -11.07
N GLN B 301 -13.63 31.14 -11.50
CA GLN B 301 -14.38 31.86 -12.53
C GLN B 301 -14.70 30.96 -13.73
N PRO B 302 -13.66 30.43 -14.40
CA PRO B 302 -13.96 29.57 -15.56
C PRO B 302 -14.72 28.30 -15.19
N LEU B 303 -14.62 27.89 -13.92
CA LEU B 303 -15.32 26.70 -13.44
C LEU B 303 -16.81 27.00 -13.31
N TRP B 304 -17.13 28.23 -12.91
CA TRP B 304 -18.52 28.63 -12.78
C TRP B 304 -19.14 28.72 -14.17
N GLU B 305 -18.33 29.17 -15.13
CA GLU B 305 -18.78 29.31 -16.51
C GLU B 305 -18.97 27.94 -17.12
N SER B 306 -18.10 27.00 -16.74
CA SER B 306 -18.18 25.64 -17.24
C SER B 306 -19.46 25.01 -16.71
N ARG B 307 -19.71 25.18 -15.41
CA ARG B 307 -20.90 24.63 -14.79
C ARG B 307 -22.15 25.16 -15.50
N ASP B 308 -22.30 26.49 -15.52
CA ASP B 308 -23.44 27.12 -16.17
C ASP B 308 -23.57 26.68 -17.63
N ARG B 309 -22.46 26.69 -18.35
CA ARG B 309 -22.50 26.28 -19.74
C ARG B 309 -23.07 24.87 -19.88
N TYR B 310 -22.65 23.97 -19.01
CA TYR B 310 -23.14 22.59 -19.07
C TYR B 310 -24.57 22.46 -18.57
N GLU B 311 -24.99 23.34 -17.67
CA GLU B 311 -26.35 23.27 -17.18
C GLU B 311 -27.31 23.70 -18.29
N GLU B 312 -26.96 24.78 -18.98
CA GLU B 312 -27.76 25.29 -20.08
C GLU B 312 -27.75 24.23 -21.17
N LEU B 313 -26.60 23.59 -21.34
CA LEU B 313 -26.41 22.56 -22.35
C LEU B 313 -27.27 21.33 -22.09
N LYS B 314 -27.68 21.15 -20.83
CA LYS B 314 -28.51 20.00 -20.48
C LYS B 314 -29.98 20.31 -20.74
N ARG B 315 -30.37 21.57 -20.50
CA ARG B 315 -31.75 21.99 -20.73
C ARG B 315 -32.04 21.75 -22.20
N ILE B 316 -31.06 22.07 -23.03
CA ILE B 316 -31.17 21.88 -24.46
C ILE B 316 -31.36 20.39 -24.75
N ASP B 317 -30.63 19.52 -24.06
CA ASP B 317 -30.77 18.08 -24.27
C ASP B 317 -32.14 17.56 -23.88
N ASP B 318 -32.66 18.03 -22.75
CA ASP B 318 -33.98 17.59 -22.27
C ASP B 318 -35.05 18.00 -23.30
N ALA B 319 -35.13 19.30 -23.57
CA ALA B 319 -36.08 19.85 -24.51
C ALA B 319 -35.98 19.12 -25.84
N MET B 320 -34.77 18.72 -26.21
CA MET B 320 -34.55 18.03 -27.46
C MET B 320 -35.05 16.59 -27.42
N LYS B 321 -34.77 15.86 -26.35
CA LYS B 321 -35.21 14.48 -26.22
C LYS B 321 -36.72 14.41 -26.01
N GLU B 322 -37.23 15.38 -25.24
CA GLU B 322 -38.65 15.46 -24.96
C GLU B 322 -39.38 15.63 -26.30
N LEU B 323 -38.77 16.43 -27.17
CA LEU B 323 -39.31 16.73 -28.49
C LEU B 323 -39.36 15.50 -29.39
N GLN B 324 -38.54 14.47 -29.08
CA GLN B 324 -38.51 13.27 -29.89
C GLN B 324 -39.43 12.15 -29.43
N LYS B 325 -39.99 12.28 -28.23
CA LYS B 325 -40.90 11.27 -27.69
C LYS B 325 -42.32 11.82 -27.57
N LYS B 326 -42.51 12.83 -26.85
#